data_9BBH
#
_entry.id   9BBH
#
_cell.length_a   62.924
_cell.length_b   125.268
_cell.length_c   168.529
_cell.angle_alpha   90.00
_cell.angle_beta   90.00
_cell.angle_gamma   90.00
#
_symmetry.space_group_name_H-M   'P 21 21 21'
#
loop_
_entity.id
_entity.type
_entity.pdbx_description
1 polymer 'DNA damage-binding protein 1'
2 non-polymer 'L(+)-TARTARIC ACID'
3 non-polymer 4-methoxy-1H-indole
4 non-polymer 1,2-ETHANEDIOL
5 non-polymer 'UNKNOWN ATOM OR ION'
6 water water
#
_entity_poly.entity_id   1
_entity_poly.type   'polypeptide(L)'
_entity_poly.pdbx_seq_one_letter_code
;GSMSYNYVVTAQKPTAVNGCVTGHFTSAEDLNLLIAKNTRLEIYVVTAEGLRPVKEVGMYGKIAVMELFRPKGESKDLLF
ILTAKYNACILEYKQSGESIDIITRAHGNVQDRIGRPSETGIIGIIDPECRMIGLRLYDGLFKVIPLDRDNKELKAFNIR
LEELHVIDVKFLYGCQAPTICFVYQDPQGRHVKTYEVSLREKEFNKGPWKQENVEAEASMVIAVPEPFGGAIIIGQESIT
YHNGDKYLAIAPPIIKQSTIVCHNRVDPNGSRYLLGDMEGRLFMLLLEKEEQMDGTVTLKDLRVELLGETSIAECLTYLD
NGVVFVGSRLGDSQLVKLNVDSNEQGSYVVAMETFTNLGPIVDMCVVDLERQGQGQLVTCSGAFKEGSLRIIRNGIGIHE
HASIDLPGIKGLWPLRSDPNRETDDTLVLSFVGQTRVLMLNGEEVEETELMGFVDDQQTFFCGNVAHQQLIQITSASVRL
VSQEPKALVSEWKEPQAKNISVASCNSSQVVVAVGRALYYLQIHPQELRQISHTEMEHEVACLDITPLGDSNGLSPLCAI
GLWTDISARILKLPSFELLHKEMLGGEIIPRSILMTTFESSHYLLCALGDGALFYFGLNIETGLLSDRKKVTLGTQPTVL
RTFRSLSTTNVFACSDRPTVIYSSNHKLVFSNVNLKEVNYMCPLNSDGYPDSLALANNSTLTIGTIDEIQKLHIRTVPLY
ESPRKICYQEVSQCFGVLSSRIEVQDTSGGTTALRPSASTQALSSSVSSSKLFSSSTAPHETSFGEEVEVHNLLIIDQHT
FEVLHAHQFLQNEYALSLVSCKLGKDPNTYFIVGTAMVYPEEAEPKQGRIVVFQYSDGKLQTVAEKEVKGAVYSMVEFNG
KLLASINSTVRLYEWTTEKELRTECNHYNNIMALYLKTKGDFILVGDLMRSVLLLAYKPMEGNFEEIARDFNPNWMSAVE
ILDDDNFLGAENAFNLFVCQKDSAATTDEERQHLQEVGLFHLGEFVNVFCHGSLVMQNLGETSTPTQGSVLFGTVNGMIG
LVTSLSESWYNLLLDMQNRLNKVIKSVGKIEHSFWRSFHTERKTEPATGFIDGDLIESFLDISRPKMQEVVANLQYDDGS
GMKREATADDLIKVVEELTRIH
;
_entity_poly.pdbx_strand_id   A
#
loop_
_chem_comp.id
_chem_comp.type
_chem_comp.name
_chem_comp.formula
EDO non-polymer 1,2-ETHANEDIOL 'C2 H6 O2'
TLA non-polymer 'L(+)-TARTARIC ACID' 'C4 H6 O6'
UNX non-polymer 'UNKNOWN ATOM OR ION' ?
VVP non-polymer 4-methoxy-1H-indole 'C9 H9 N O'
#
# COMPACT_ATOMS: atom_id res chain seq x y z
N MET A 3 -31.08 -8.89 0.81
CA MET A 3 -31.22 -9.82 1.96
C MET A 3 -30.02 -9.70 2.91
N SER A 4 -28.79 -9.55 2.34
CA SER A 4 -27.56 -9.34 3.12
C SER A 4 -26.86 -8.05 2.68
N TYR A 5 -26.23 -7.36 3.63
CA TYR A 5 -25.68 -6.03 3.35
C TYR A 5 -24.26 -5.94 3.90
N ASN A 6 -23.27 -5.80 2.98
CA ASN A 6 -21.87 -5.77 3.35
C ASN A 6 -21.18 -4.56 2.75
N TYR A 7 -20.11 -4.15 3.45
CA TYR A 7 -19.31 -2.99 3.12
C TYR A 7 -17.87 -3.45 3.09
N VAL A 8 -17.19 -3.22 1.96
CA VAL A 8 -15.83 -3.67 1.80
C VAL A 8 -14.96 -2.46 1.53
N VAL A 9 -13.82 -2.37 2.24
CA VAL A 9 -12.95 -1.23 2.07
C VAL A 9 -11.50 -1.66 2.21
N THR A 10 -10.62 -0.89 1.54
CA THR A 10 -9.19 -1.10 1.56
C THR A 10 -8.58 -0.56 2.87
N ALA A 11 -7.85 -1.43 3.58
CA ALA A 11 -7.06 -1.01 4.73
C ALA A 11 -5.61 -0.74 4.30
N GLN A 12 -5.09 -1.56 3.37
CA GLN A 12 -3.80 -1.34 2.77
C GLN A 12 -3.93 -1.61 1.29
N LYS A 13 -3.51 -0.64 0.48
CA LYS A 13 -3.52 -0.77 -0.96
C LYS A 13 -2.53 -1.85 -1.37
N PRO A 14 -2.73 -2.48 -2.53
CA PRO A 14 -1.78 -3.48 -3.04
C PRO A 14 -0.39 -2.89 -3.13
N THR A 15 0.62 -3.67 -2.72
CA THR A 15 2.00 -3.21 -2.67
C THR A 15 2.86 -3.89 -3.73
N ALA A 16 2.43 -5.06 -4.23
CA ALA A 16 3.21 -5.83 -5.17
C ALA A 16 3.32 -5.08 -6.48
N VAL A 17 4.47 -5.18 -7.16
CA VAL A 17 4.64 -4.53 -8.44
C VAL A 17 4.32 -5.53 -9.56
N ASN A 18 3.29 -5.21 -10.37
CA ASN A 18 2.87 -6.11 -11.44
C ASN A 18 3.46 -5.68 -12.78
N GLY A 19 3.91 -4.43 -12.89
CA GLY A 19 4.68 -4.01 -14.05
C GLY A 19 5.22 -2.59 -13.88
N CYS A 20 6.18 -2.22 -14.74
CA CYS A 20 6.85 -0.94 -14.61
C CYS A 20 7.36 -0.54 -16.01
N VAL A 21 7.19 0.75 -16.40
CA VAL A 21 7.78 1.30 -17.64
C VAL A 21 8.39 2.69 -17.40
N THR A 22 9.28 3.10 -18.33
CA THR A 22 9.84 4.44 -18.33
C THR A 22 9.52 5.12 -19.65
N GLY A 23 9.56 6.44 -19.63
CA GLY A 23 9.40 7.25 -20.83
C GLY A 23 9.16 8.70 -20.47
N HIS A 24 8.51 9.43 -21.40
CA HIS A 24 8.33 10.86 -21.28
C HIS A 24 6.84 11.16 -21.36
N PHE A 25 6.16 11.00 -20.21
CA PHE A 25 4.71 11.02 -20.14
C PHE A 25 4.25 12.36 -19.59
N THR A 26 4.91 12.84 -18.55
CA THR A 26 4.48 14.06 -17.87
C THR A 26 4.93 15.27 -18.66
N SER A 27 6.07 15.15 -19.35
CA SER A 27 6.44 16.09 -20.40
C SER A 27 7.53 15.46 -21.28
N ALA A 28 7.82 16.12 -22.40
CA ALA A 28 8.84 15.64 -23.33
C ALA A 28 10.21 15.53 -22.65
N GLU A 29 10.45 16.39 -21.66
CA GLU A 29 11.78 16.58 -21.10
C GLU A 29 11.94 15.76 -19.82
N ASP A 30 10.83 15.35 -19.19
CA ASP A 30 10.88 14.57 -17.96
C ASP A 30 11.21 13.11 -18.28
N LEU A 31 11.98 12.46 -17.39
CA LEU A 31 12.06 11.02 -17.40
C LEU A 31 11.14 10.47 -16.30
N ASN A 32 10.18 9.62 -16.69
CA ASN A 32 9.18 9.10 -15.77
C ASN A 32 9.38 7.61 -15.55
N LEU A 33 9.04 7.18 -14.32
CA LEU A 33 8.78 5.79 -14.01
C LEU A 33 7.30 5.67 -13.69
N LEU A 34 6.65 4.71 -14.37
CA LEU A 34 5.26 4.37 -14.10
C LEU A 34 5.25 2.97 -13.53
N ILE A 35 4.49 2.80 -12.44
CA ILE A 35 4.40 1.53 -11.74
C ILE A 35 2.94 1.12 -11.68
N ALA A 36 2.68 -0.13 -12.05
CA ALA A 36 1.35 -0.69 -11.90
C ALA A 36 1.35 -1.61 -10.68
N LYS A 37 0.45 -1.30 -9.75
CA LYS A 37 0.18 -2.13 -8.59
C LYS A 37 -1.28 -2.55 -8.65
N ASN A 38 -1.57 -3.47 -9.57
CA ASN A 38 -2.91 -4.02 -9.75
C ASN A 38 -3.86 -2.93 -10.24
N THR A 39 -4.63 -2.31 -9.32
CA THR A 39 -5.62 -1.30 -9.65
C THR A 39 -5.03 0.11 -9.59
N ARG A 40 -3.80 0.25 -9.09
CA ARG A 40 -3.20 1.58 -8.92
C ARG A 40 -2.11 1.82 -9.97
N LEU A 41 -2.04 3.06 -10.43
CA LEU A 41 -0.98 3.51 -11.29
C LEU A 41 -0.24 4.63 -10.58
N GLU A 42 1.08 4.47 -10.39
CA GLU A 42 1.93 5.48 -9.75
C GLU A 42 2.86 6.10 -10.79
N ILE A 43 2.93 7.44 -10.81
CA ILE A 43 3.75 8.15 -11.76
C ILE A 43 4.81 8.91 -10.98
N TYR A 44 6.06 8.78 -11.41
CA TYR A 44 7.20 9.45 -10.81
C TYR A 44 7.98 10.19 -11.90
N VAL A 45 8.63 11.28 -11.50
CA VAL A 45 9.71 11.89 -12.27
C VAL A 45 11.04 11.42 -11.67
N VAL A 46 11.94 10.98 -12.53
CA VAL A 46 13.26 10.53 -12.10
C VAL A 46 14.19 11.74 -12.01
N THR A 47 14.88 11.87 -10.88
CA THR A 47 15.80 12.98 -10.63
C THR A 47 17.14 12.44 -10.13
N ALA A 48 18.01 13.36 -9.68
CA ALA A 48 19.25 13.03 -8.99
C ALA A 48 18.98 12.59 -7.56
N GLU A 49 17.98 13.20 -6.92
CA GLU A 49 17.58 12.81 -5.57
C GLU A 49 17.04 11.38 -5.59
N GLY A 50 16.33 11.00 -6.68
CA GLY A 50 15.68 9.69 -6.79
C GLY A 50 14.30 9.83 -7.45
N LEU A 51 13.30 9.13 -6.91
CA LEU A 51 11.95 9.14 -7.49
C LEU A 51 11.07 10.17 -6.79
N ARG A 52 10.70 11.23 -7.51
CA ARG A 52 9.70 12.17 -7.03
C ARG A 52 8.31 11.72 -7.48
N PRO A 53 7.39 11.37 -6.56
CA PRO A 53 6.00 11.05 -6.92
C PRO A 53 5.22 12.27 -7.39
N VAL A 54 4.51 12.16 -8.54
CA VAL A 54 3.81 13.31 -9.08
C VAL A 54 2.31 13.09 -9.10
N LYS A 55 1.87 11.85 -9.31
CA LYS A 55 0.44 11.57 -9.43
C LYS A 55 0.21 10.07 -9.31
N GLU A 56 -0.74 9.70 -8.43
CA GLU A 56 -1.19 8.33 -8.29
C GLU A 56 -2.69 8.31 -8.56
N VAL A 57 -3.16 7.34 -9.35
CA VAL A 57 -4.59 7.21 -9.63
C VAL A 57 -5.00 5.75 -9.50
N GLY A 58 -6.30 5.55 -9.22
CA GLY A 58 -6.93 4.24 -9.27
C GLY A 58 -7.64 4.05 -10.60
N MET A 59 -7.54 2.83 -11.13
CA MET A 59 -8.38 2.41 -12.24
C MET A 59 -9.49 1.54 -11.68
N TYR A 60 -10.63 1.55 -12.36
CA TYR A 60 -11.70 0.60 -12.13
C TYR A 60 -11.41 -0.66 -12.95
N GLY A 61 -10.27 -1.31 -12.63
CA GLY A 61 -9.85 -2.52 -13.32
C GLY A 61 -8.45 -2.96 -12.90
N LYS A 62 -8.13 -4.23 -13.14
CA LYS A 62 -6.80 -4.75 -12.92
C LYS A 62 -5.95 -4.44 -14.15
N ILE A 63 -4.81 -3.76 -13.95
CA ILE A 63 -3.98 -3.35 -15.08
C ILE A 63 -3.25 -4.58 -15.60
N ALA A 64 -3.52 -4.94 -16.87
CA ALA A 64 -2.95 -6.15 -17.47
C ALA A 64 -1.86 -5.77 -18.48
N VAL A 65 -2.06 -4.66 -19.18
CA VAL A 65 -1.08 -4.09 -20.09
C VAL A 65 -0.88 -2.62 -19.75
N MET A 66 0.38 -2.18 -19.82
CA MET A 66 0.76 -0.80 -19.58
C MET A 66 1.98 -0.47 -20.44
N GLU A 67 1.80 0.38 -21.46
CA GLU A 67 2.88 0.73 -22.37
C GLU A 67 2.80 2.20 -22.78
N LEU A 68 3.96 2.87 -22.79
CA LEU A 68 4.05 4.23 -23.29
C LEU A 68 4.40 4.17 -24.77
N PHE A 69 3.93 5.19 -25.52
CA PHE A 69 4.16 5.23 -26.96
C PHE A 69 3.92 6.67 -27.42
N ARG A 70 4.51 7.04 -28.56
CA ARG A 70 4.40 8.42 -29.02
C ARG A 70 4.06 8.47 -30.50
N PRO A 71 2.77 8.59 -30.84
CA PRO A 71 2.38 8.81 -32.22
C PRO A 71 2.89 10.15 -32.74
N LYS A 72 3.09 10.21 -34.07
CA LYS A 72 3.25 11.48 -34.76
C LYS A 72 2.07 12.38 -34.40
N GLY A 73 2.36 13.67 -34.21
CA GLY A 73 1.34 14.65 -33.84
C GLY A 73 1.02 14.60 -32.34
N GLU A 74 1.96 14.06 -31.55
CA GLU A 74 1.88 14.13 -30.10
C GLU A 74 3.22 14.66 -29.59
N SER A 75 3.16 15.55 -28.60
CA SER A 75 4.33 16.27 -28.15
C SER A 75 5.02 15.50 -27.03
N LYS A 76 4.31 14.51 -26.48
CA LYS A 76 4.87 13.63 -25.46
C LYS A 76 4.16 12.28 -25.53
N ASP A 77 4.65 11.33 -24.74
CA ASP A 77 4.14 9.95 -24.79
C ASP A 77 2.69 9.93 -24.36
N LEU A 78 1.90 9.04 -24.99
CA LEU A 78 0.62 8.63 -24.45
C LEU A 78 0.79 7.27 -23.77
N LEU A 79 -0.24 6.86 -23.01
CA LEU A 79 -0.18 5.65 -22.22
C LEU A 79 -1.32 4.74 -22.65
N PHE A 80 -0.97 3.50 -23.04
CA PHE A 80 -1.98 2.50 -23.32
C PHE A 80 -2.13 1.59 -22.10
N ILE A 81 -3.38 1.46 -21.62
CA ILE A 81 -3.72 0.53 -20.56
C ILE A 81 -4.78 -0.45 -21.08
N LEU A 82 -4.63 -1.72 -20.72
CA LEU A 82 -5.70 -2.69 -20.88
C LEU A 82 -5.94 -3.33 -19.54
N THR A 83 -7.21 -3.46 -19.14
CA THR A 83 -7.54 -4.14 -17.89
C THR A 83 -7.80 -5.61 -18.15
N ALA A 84 -7.86 -6.37 -17.06
CA ALA A 84 -8.12 -7.80 -17.11
C ALA A 84 -9.55 -8.08 -17.60
N LYS A 85 -10.45 -7.10 -17.51
CA LYS A 85 -11.79 -7.23 -18.07
C LYS A 85 -11.87 -6.62 -19.47
N TYR A 86 -10.72 -6.35 -20.10
CA TYR A 86 -10.61 -6.02 -21.53
C TYR A 86 -11.02 -4.57 -21.79
N ASN A 87 -10.98 -3.72 -20.76
CA ASN A 87 -11.10 -2.27 -20.94
C ASN A 87 -9.82 -1.69 -21.51
N ALA A 88 -9.89 -1.13 -22.72
CA ALA A 88 -8.72 -0.54 -23.34
C ALA A 88 -8.85 0.98 -23.28
N CYS A 89 -7.74 1.66 -23.07
CA CYS A 89 -7.75 3.11 -23.10
C CYS A 89 -6.38 3.64 -23.52
N ILE A 90 -6.43 4.85 -24.08
CA ILE A 90 -5.26 5.67 -24.32
C ILE A 90 -5.37 6.93 -23.45
N LEU A 91 -4.30 7.19 -22.66
CA LEU A 91 -4.31 8.22 -21.64
C LEU A 91 -3.22 9.25 -21.93
N GLU A 92 -3.50 10.49 -21.54
CA GLU A 92 -2.59 11.62 -21.66
C GLU A 92 -2.54 12.35 -20.32
N TYR A 93 -1.32 12.69 -19.90
CA TYR A 93 -1.06 13.49 -18.71
C TYR A 93 -1.23 14.98 -19.05
N LYS A 94 -2.00 15.69 -18.22
CA LYS A 94 -2.25 17.11 -18.45
C LYS A 94 -2.18 17.86 -17.13
N GLN A 95 -1.25 18.82 -17.06
CA GLN A 95 -1.09 19.66 -15.87
C GLN A 95 -1.36 21.11 -16.24
N SER A 96 -2.39 21.71 -15.62
CA SER A 96 -2.61 23.16 -15.68
C SER A 96 -2.73 23.74 -14.27
N GLY A 97 -1.66 24.38 -13.81
CA GLY A 97 -1.58 24.86 -12.45
C GLY A 97 -1.05 23.77 -11.52
N GLU A 98 -1.60 23.74 -10.30
CA GLU A 98 -1.43 22.59 -9.41
C GLU A 98 -2.58 21.61 -9.64
N SER A 99 -3.26 21.74 -10.79
CA SER A 99 -4.28 20.79 -11.19
C SER A 99 -3.68 19.78 -12.18
N ILE A 100 -3.76 18.49 -11.82
CA ILE A 100 -3.21 17.40 -12.64
C ILE A 100 -4.34 16.45 -12.99
N ASP A 101 -4.54 16.24 -14.29
CA ASP A 101 -5.57 15.32 -14.76
C ASP A 101 -4.96 14.30 -15.72
N ILE A 102 -5.43 13.04 -15.60
CA ILE A 102 -5.21 12.03 -16.61
C ILE A 102 -6.45 11.99 -17.51
N ILE A 103 -6.30 12.41 -18.77
CA ILE A 103 -7.44 12.48 -19.67
C ILE A 103 -7.45 11.25 -20.60
N THR A 104 -8.67 10.81 -20.93
CA THR A 104 -8.91 9.65 -21.74
C THR A 104 -9.02 10.12 -23.19
N ARG A 105 -8.06 9.73 -24.03
CA ARG A 105 -8.04 10.16 -25.43
C ARG A 105 -8.83 9.17 -26.30
N ALA A 106 -8.93 7.93 -25.84
CA ALA A 106 -9.64 6.88 -26.58
C ALA A 106 -9.98 5.77 -25.59
N HIS A 107 -11.08 5.05 -25.83
CA HIS A 107 -11.41 3.91 -24.98
C HIS A 107 -12.44 3.03 -25.65
N GLY A 108 -12.39 1.75 -25.28
CA GLY A 108 -13.42 0.80 -25.64
C GLY A 108 -13.08 -0.56 -25.05
N ASN A 109 -14.07 -1.45 -24.99
CA ASN A 109 -13.86 -2.77 -24.48
C ASN A 109 -13.56 -3.69 -25.66
N VAL A 110 -12.52 -4.53 -25.54
CA VAL A 110 -12.05 -5.30 -26.67
C VAL A 110 -12.28 -6.79 -26.44
N GLN A 111 -13.19 -7.14 -25.53
CA GLN A 111 -13.51 -8.54 -25.31
C GLN A 111 -14.12 -9.14 -26.58
N ASP A 112 -13.80 -10.42 -26.88
CA ASP A 112 -14.52 -11.20 -27.88
C ASP A 112 -15.58 -12.07 -27.18
N ARG A 113 -16.62 -12.50 -27.93
CA ARG A 113 -17.69 -13.33 -27.37
C ARG A 113 -17.21 -14.75 -27.17
N ILE A 114 -16.45 -15.25 -28.12
CA ILE A 114 -15.98 -16.62 -28.11
C ILE A 114 -14.49 -16.59 -27.84
N GLY A 115 -14.07 -17.33 -26.80
CA GLY A 115 -12.67 -17.46 -26.47
C GLY A 115 -12.52 -17.67 -24.99
N ARG A 116 -11.63 -18.60 -24.64
CA ARG A 116 -11.10 -18.71 -23.30
C ARG A 116 -9.70 -18.11 -23.31
N PRO A 117 -9.33 -17.33 -22.28
CA PRO A 117 -7.96 -16.77 -22.17
C PRO A 117 -6.77 -17.69 -22.44
N SER A 118 -5.71 -17.12 -23.04
CA SER A 118 -4.47 -17.86 -23.28
C SER A 118 -3.81 -18.26 -21.96
N GLU A 119 -2.63 -18.92 -22.08
CA GLU A 119 -1.98 -19.64 -20.99
C GLU A 119 -0.82 -18.82 -20.41
N THR A 120 -0.01 -18.17 -21.25
CA THR A 120 0.95 -17.21 -20.73
C THR A 120 0.26 -15.84 -20.57
N GLY A 121 -1.10 -15.82 -20.55
CA GLY A 121 -1.91 -14.64 -20.18
C GLY A 121 -2.07 -13.61 -21.32
N ILE A 122 -2.63 -12.44 -20.98
CA ILE A 122 -2.76 -11.32 -21.91
C ILE A 122 -1.40 -10.74 -22.24
N ILE A 123 -1.12 -10.54 -23.54
CA ILE A 123 0.03 -9.79 -24.00
C ILE A 123 -0.47 -8.62 -24.86
N GLY A 124 0.06 -7.43 -24.58
CA GLY A 124 -0.20 -6.28 -25.42
C GLY A 124 1.11 -5.62 -25.81
N ILE A 125 1.23 -5.32 -27.11
CA ILE A 125 2.46 -4.79 -27.69
C ILE A 125 2.09 -3.67 -28.65
N ILE A 126 3.04 -2.75 -28.83
CA ILE A 126 2.84 -1.58 -29.68
C ILE A 126 4.02 -1.49 -30.62
N ASP A 127 3.71 -1.23 -31.89
N ASP A 127 3.76 -1.32 -31.92
CA ASP A 127 4.70 -1.17 -32.95
CA ASP A 127 4.85 -1.34 -32.87
C ASP A 127 5.63 0.02 -32.70
C ASP A 127 5.63 -0.03 -32.74
N PRO A 128 6.96 -0.08 -32.99
CA PRO A 128 7.83 1.09 -32.84
C PRO A 128 7.38 2.33 -33.62
N GLU A 129 6.70 2.12 -34.75
CA GLU A 129 6.27 3.21 -35.62
C GLU A 129 4.85 3.64 -35.26
N CYS A 130 4.27 3.04 -34.22
CA CYS A 130 2.94 3.44 -33.74
C CYS A 130 1.92 3.30 -34.87
N ARG A 131 1.96 2.17 -35.59
CA ARG A 131 0.97 1.89 -36.61
C ARG A 131 -0.20 1.12 -36.01
N MET A 132 0.04 0.37 -34.92
CA MET A 132 -0.99 -0.48 -34.36
C MET A 132 -0.63 -0.92 -32.95
N ILE A 133 -1.68 -1.26 -32.19
CA ILE A 133 -1.57 -2.04 -30.98
C ILE A 133 -1.96 -3.48 -31.30
N GLY A 134 -1.17 -4.42 -30.81
CA GLY A 134 -1.44 -5.83 -30.98
C GLY A 134 -1.71 -6.49 -29.63
N LEU A 135 -2.77 -7.31 -29.58
CA LEU A 135 -3.19 -7.99 -28.36
C LEU A 135 -3.29 -9.49 -28.62
N ARG A 136 -2.66 -10.27 -27.74
CA ARG A 136 -2.90 -11.70 -27.65
C ARG A 136 -3.74 -11.99 -26.40
N LEU A 137 -5.04 -12.16 -26.62
CA LEU A 137 -6.02 -12.35 -25.56
C LEU A 137 -6.42 -13.82 -25.48
N TYR A 138 -6.56 -14.47 -26.65
CA TYR A 138 -7.04 -15.85 -26.74
C TYR A 138 -6.15 -16.64 -27.69
N ASP A 139 -6.02 -17.95 -27.45
CA ASP A 139 -5.27 -18.80 -28.35
C ASP A 139 -5.92 -18.75 -29.73
N GLY A 140 -5.11 -18.58 -30.76
CA GLY A 140 -5.55 -18.73 -32.13
C GLY A 140 -5.98 -17.42 -32.77
N LEU A 141 -5.90 -16.32 -32.00
CA LEU A 141 -6.34 -15.01 -32.46
C LEU A 141 -5.32 -13.94 -32.06
N PHE A 142 -5.10 -13.00 -32.98
CA PHE A 142 -4.28 -11.83 -32.74
C PHE A 142 -5.13 -10.61 -33.06
N LYS A 143 -5.36 -9.74 -32.05
CA LYS A 143 -6.26 -8.62 -32.23
C LYS A 143 -5.43 -7.38 -32.52
N VAL A 144 -5.86 -6.64 -33.54
CA VAL A 144 -5.16 -5.46 -33.99
C VAL A 144 -6.03 -4.23 -33.76
N ILE A 145 -5.47 -3.24 -33.06
CA ILE A 145 -6.10 -1.92 -32.94
C ILE A 145 -5.27 -0.95 -33.76
N PRO A 146 -5.76 -0.50 -34.94
CA PRO A 146 -5.08 0.54 -35.71
C PRO A 146 -4.94 1.80 -34.86
N LEU A 147 -3.74 2.37 -34.85
CA LEU A 147 -3.49 3.65 -34.21
C LEU A 147 -3.72 4.78 -35.21
N ASP A 148 -4.68 5.62 -34.89
CA ASP A 148 -5.22 6.61 -35.78
C ASP A 148 -6.11 7.46 -34.90
N ARG A 149 -5.83 8.78 -34.85
CA ARG A 149 -6.39 9.64 -33.81
C ARG A 149 -7.91 9.74 -33.97
N ASP A 150 -8.44 9.19 -35.07
CA ASP A 150 -9.86 9.13 -35.31
C ASP A 150 -10.49 7.85 -34.72
N ASN A 151 -9.65 6.88 -34.30
CA ASN A 151 -10.16 5.60 -33.80
C ASN A 151 -10.32 5.67 -32.27
N LYS A 152 -11.19 6.57 -31.83
CA LYS A 152 -11.31 6.92 -30.43
C LYS A 152 -12.09 5.85 -29.67
N GLU A 153 -12.77 4.98 -30.40
CA GLU A 153 -13.48 3.88 -29.76
C GLU A 153 -12.61 2.63 -29.77
N LEU A 154 -11.38 2.74 -30.27
CA LEU A 154 -10.41 1.64 -30.29
C LEU A 154 -11.03 0.40 -30.92
N LYS A 155 -11.70 0.59 -32.05
CA LYS A 155 -12.19 -0.50 -32.87
C LYS A 155 -11.03 -1.34 -33.40
N ALA A 156 -11.25 -2.65 -33.48
CA ALA A 156 -10.19 -3.61 -33.69
C ALA A 156 -10.67 -4.70 -34.64
N PHE A 157 -9.73 -5.47 -35.18
CA PHE A 157 -10.09 -6.66 -35.92
C PHE A 157 -9.19 -7.81 -35.46
N ASN A 158 -9.68 -9.02 -35.64
CA ASN A 158 -8.96 -10.23 -35.30
C ASN A 158 -8.32 -10.81 -36.56
N ILE A 159 -7.09 -11.32 -36.40
CA ILE A 159 -6.42 -12.16 -37.37
C ILE A 159 -6.32 -13.56 -36.79
N ARG A 160 -6.62 -14.55 -37.63
CA ARG A 160 -6.40 -15.93 -37.29
C ARG A 160 -4.90 -16.16 -37.14
N LEU A 161 -4.52 -16.78 -36.03
CA LEU A 161 -3.14 -17.13 -35.78
C LEU A 161 -3.04 -18.64 -35.79
N GLU A 162 -2.33 -19.19 -36.77
CA GLU A 162 -2.22 -20.62 -36.98
C GLU A 162 -1.59 -21.28 -35.76
N GLU A 163 -0.57 -20.63 -35.20
CA GLU A 163 0.11 -21.12 -34.01
C GLU A 163 -0.76 -20.86 -32.78
N LEU A 164 -1.24 -21.95 -32.15
CA LEU A 164 -2.27 -21.90 -31.11
C LEU A 164 -1.67 -21.54 -29.74
N HIS A 165 -0.38 -21.86 -29.55
CA HIS A 165 0.24 -21.80 -28.23
C HIS A 165 1.44 -20.86 -28.28
N VAL A 166 1.16 -19.54 -28.21
CA VAL A 166 2.19 -18.52 -28.26
C VAL A 166 2.74 -18.29 -26.85
N ILE A 167 4.07 -18.29 -26.75
CA ILE A 167 4.74 -18.11 -25.48
C ILE A 167 5.01 -16.61 -25.23
N ASP A 168 5.60 -15.93 -26.22
CA ASP A 168 5.80 -14.49 -26.13
C ASP A 168 5.87 -13.92 -27.55
N VAL A 169 5.61 -12.62 -27.66
CA VAL A 169 5.54 -11.96 -28.96
C VAL A 169 5.91 -10.49 -28.77
N LYS A 170 6.68 -9.95 -29.74
CA LYS A 170 7.00 -8.52 -29.81
C LYS A 170 6.89 -8.04 -31.27
N PHE A 171 6.71 -6.71 -31.42
CA PHE A 171 6.89 -6.04 -32.70
C PHE A 171 8.39 -5.72 -32.87
N LEU A 172 8.90 -5.96 -34.09
CA LEU A 172 10.29 -5.71 -34.40
C LEU A 172 10.54 -4.26 -34.78
N TYR A 173 11.79 -3.82 -34.59
CA TYR A 173 12.25 -2.53 -35.04
C TYR A 173 12.74 -2.68 -36.49
N GLY A 174 12.75 -1.55 -37.21
CA GLY A 174 13.50 -1.41 -38.46
C GLY A 174 12.82 -2.10 -39.64
N CYS A 175 11.51 -2.34 -39.54
CA CYS A 175 10.78 -3.05 -40.57
C CYS A 175 9.91 -2.08 -41.36
N GLN A 176 9.71 -2.41 -42.64
CA GLN A 176 8.99 -1.56 -43.57
C GLN A 176 7.49 -1.67 -43.31
N ALA A 177 7.05 -2.87 -42.91
CA ALA A 177 5.70 -3.08 -42.43
C ALA A 177 5.77 -3.57 -40.99
N PRO A 178 4.74 -3.28 -40.16
CA PRO A 178 4.66 -3.85 -38.81
C PRO A 178 4.86 -5.35 -38.86
N THR A 179 5.78 -5.85 -38.02
CA THR A 179 6.21 -7.24 -38.06
C THR A 179 6.29 -7.76 -36.64
N ILE A 180 5.62 -8.90 -36.38
CA ILE A 180 5.72 -9.53 -35.08
C ILE A 180 6.72 -10.66 -35.16
N CYS A 181 7.34 -10.93 -33.99
CA CYS A 181 8.25 -12.04 -33.80
C CYS A 181 7.78 -12.76 -32.56
N PHE A 182 7.59 -14.09 -32.65
CA PHE A 182 7.06 -14.82 -31.50
C PHE A 182 7.64 -16.23 -31.42
N VAL A 183 7.70 -16.72 -30.17
CA VAL A 183 7.98 -18.11 -29.87
C VAL A 183 6.65 -18.84 -29.67
N TYR A 184 6.52 -20.02 -30.26
CA TYR A 184 5.35 -20.84 -30.06
C TYR A 184 5.77 -22.30 -29.87
N GLN A 185 4.82 -23.08 -29.37
CA GLN A 185 5.04 -24.46 -29.01
C GLN A 185 4.04 -25.34 -29.76
N ASP A 186 4.58 -26.38 -30.42
CA ASP A 186 3.80 -27.45 -31.02
C ASP A 186 4.45 -28.78 -30.63
N PRO A 187 3.92 -29.95 -31.06
CA PRO A 187 4.49 -31.25 -30.66
C PRO A 187 5.95 -31.42 -31.08
N GLN A 188 6.35 -30.73 -32.16
CA GLN A 188 7.71 -30.80 -32.69
C GLN A 188 8.66 -29.88 -31.92
N GLY A 189 8.17 -29.21 -30.87
CA GLY A 189 9.00 -28.40 -29.99
C GLY A 189 8.63 -26.91 -30.04
N ARG A 190 9.60 -26.04 -29.72
CA ARG A 190 9.40 -24.61 -29.70
C ARG A 190 10.12 -24.00 -30.89
N HIS A 191 9.53 -22.93 -31.42
CA HIS A 191 10.00 -22.33 -32.66
C HIS A 191 9.87 -20.81 -32.56
N VAL A 192 10.71 -20.07 -33.29
CA VAL A 192 10.53 -18.63 -33.46
C VAL A 192 10.10 -18.39 -34.91
N LYS A 193 9.10 -17.51 -35.08
CA LYS A 193 8.57 -17.18 -36.39
C LYS A 193 8.22 -15.69 -36.45
N THR A 194 8.06 -15.15 -37.66
CA THR A 194 7.66 -13.76 -37.83
C THR A 194 6.49 -13.70 -38.78
N TYR A 195 5.69 -12.63 -38.64
CA TYR A 195 4.69 -12.27 -39.63
C TYR A 195 4.70 -10.75 -39.80
N GLU A 196 4.45 -10.28 -41.03
CA GLU A 196 4.02 -8.91 -41.24
C GLU A 196 2.51 -8.83 -41.00
N VAL A 197 2.07 -7.65 -40.55
CA VAL A 197 0.67 -7.39 -40.25
C VAL A 197 0.19 -6.33 -41.22
N SER A 198 -0.71 -6.71 -42.11
CA SER A 198 -1.21 -5.82 -43.15
C SER A 198 -2.51 -5.16 -42.71
N LEU A 199 -2.48 -3.83 -42.58
CA LEU A 199 -3.69 -3.09 -42.27
C LEU A 199 -4.68 -3.15 -43.45
N ARG A 200 -4.13 -3.12 -44.68
N ARG A 200 -4.19 -3.11 -44.69
CA ARG A 200 -4.92 -3.18 -45.91
CA ARG A 200 -5.08 -3.13 -45.85
C ARG A 200 -5.76 -4.45 -45.94
C ARG A 200 -5.80 -4.47 -45.96
N GLU A 201 -5.11 -5.58 -45.67
CA GLU A 201 -5.70 -6.91 -45.86
C GLU A 201 -6.34 -7.41 -44.57
N LYS A 202 -6.02 -6.78 -43.43
CA LYS A 202 -6.46 -7.27 -42.13
C LYS A 202 -6.05 -8.73 -41.97
N GLU A 203 -4.78 -9.02 -42.23
N GLU A 203 -4.79 -9.03 -42.34
CA GLU A 203 -4.28 -10.38 -42.24
CA GLU A 203 -4.26 -10.38 -42.38
C GLU A 203 -2.77 -10.33 -42.07
C GLU A 203 -2.78 -10.32 -42.03
N PHE A 204 -2.19 -11.48 -41.74
CA PHE A 204 -0.75 -11.64 -41.70
C PHE A 204 -0.22 -11.80 -43.13
N ASN A 205 1.00 -11.31 -43.35
CA ASN A 205 1.79 -11.65 -44.52
C ASN A 205 3.07 -12.34 -44.07
N LYS A 206 3.77 -12.98 -45.01
CA LYS A 206 5.00 -13.70 -44.72
C LYS A 206 6.02 -12.75 -44.09
N GLY A 207 6.65 -13.21 -43.01
CA GLY A 207 7.57 -12.38 -42.26
C GLY A 207 8.94 -12.33 -42.93
N PRO A 208 9.83 -11.41 -42.50
CA PRO A 208 11.08 -11.15 -43.24
C PRO A 208 12.14 -12.23 -43.05
N TRP A 209 11.97 -13.11 -42.08
CA TRP A 209 12.90 -14.21 -41.94
C TRP A 209 12.22 -15.48 -41.50
N LYS A 210 12.80 -16.60 -41.94
CA LYS A 210 12.17 -17.89 -41.85
C LYS A 210 12.26 -18.36 -40.41
N GLN A 211 11.42 -19.33 -40.09
CA GLN A 211 11.28 -19.79 -38.73
C GLN A 211 12.51 -20.62 -38.38
N GLU A 212 12.80 -20.69 -37.08
CA GLU A 212 13.88 -21.52 -36.57
C GLU A 212 13.36 -22.30 -35.38
N ASN A 213 13.98 -23.45 -35.12
CA ASN A 213 13.75 -24.17 -33.88
C ASN A 213 14.54 -23.46 -32.78
N VAL A 214 13.96 -23.39 -31.59
CA VAL A 214 14.65 -22.77 -30.48
C VAL A 214 14.66 -23.76 -29.33
N GLU A 215 15.21 -23.35 -28.20
CA GLU A 215 15.26 -24.16 -27.00
C GLU A 215 13.86 -24.55 -26.54
N ALA A 216 13.79 -25.71 -25.87
CA ALA A 216 12.54 -26.26 -25.35
C ALA A 216 11.89 -25.29 -24.36
N GLU A 217 12.70 -24.49 -23.66
CA GLU A 217 12.19 -23.60 -22.64
C GLU A 217 12.44 -22.14 -23.03
N ALA A 218 12.50 -21.84 -24.33
CA ALA A 218 12.53 -20.46 -24.79
C ALA A 218 11.25 -19.74 -24.32
N SER A 219 11.40 -18.65 -23.55
CA SER A 219 10.23 -18.08 -22.86
C SER A 219 10.04 -16.59 -23.12
N MET A 220 11.07 -15.86 -23.58
CA MET A 220 10.92 -14.43 -23.74
C MET A 220 11.54 -13.93 -25.05
N VAL A 221 10.84 -12.97 -25.67
CA VAL A 221 11.28 -12.33 -26.90
C VAL A 221 11.64 -10.90 -26.59
N ILE A 222 12.84 -10.50 -27.01
CA ILE A 222 13.28 -9.11 -26.93
C ILE A 222 13.45 -8.60 -28.36
N ALA A 223 12.80 -7.47 -28.66
CA ALA A 223 12.98 -6.79 -29.94
C ALA A 223 14.08 -5.74 -29.80
N VAL A 224 15.18 -5.93 -30.53
CA VAL A 224 16.36 -5.10 -30.36
C VAL A 224 16.22 -3.88 -31.30
N PRO A 225 16.42 -2.66 -30.78
CA PRO A 225 16.38 -1.47 -31.62
C PRO A 225 17.46 -1.42 -32.69
N GLU A 226 17.29 -0.51 -33.63
CA GLU A 226 18.34 -0.15 -34.56
C GLU A 226 19.54 0.33 -33.77
N PRO A 227 20.78 0.06 -34.23
CA PRO A 227 21.03 -0.45 -35.58
C PRO A 227 21.06 -1.97 -35.72
N PHE A 228 20.97 -2.69 -34.60
CA PHE A 228 20.98 -4.15 -34.66
C PHE A 228 19.72 -4.65 -35.38
N GLY A 229 18.56 -4.19 -34.90
CA GLY A 229 17.31 -4.84 -35.23
C GLY A 229 17.31 -6.28 -34.70
N GLY A 230 16.31 -7.04 -35.12
CA GLY A 230 16.25 -8.46 -34.85
C GLY A 230 15.65 -8.77 -33.47
N ALA A 231 15.79 -10.03 -33.04
CA ALA A 231 15.24 -10.46 -31.77
C ALA A 231 16.24 -11.30 -30.99
N ILE A 232 16.19 -11.15 -29.67
CA ILE A 232 16.85 -12.03 -28.74
C ILE A 232 15.79 -12.93 -28.10
N ILE A 233 16.10 -14.22 -28.00
CA ILE A 233 15.22 -15.20 -27.40
C ILE A 233 15.93 -15.75 -26.18
N ILE A 234 15.36 -15.51 -25.01
CA ILE A 234 15.90 -16.04 -23.76
C ILE A 234 15.24 -17.38 -23.46
N GLY A 235 16.07 -18.41 -23.16
CA GLY A 235 15.59 -19.65 -22.57
C GLY A 235 16.29 -19.96 -21.24
N GLN A 236 16.13 -21.21 -20.76
CA GLN A 236 16.71 -21.66 -19.50
C GLN A 236 18.21 -21.93 -19.66
N GLU A 237 18.63 -22.35 -20.86
CA GLU A 237 20.01 -22.80 -21.06
C GLU A 237 20.73 -21.97 -22.13
N SER A 238 20.00 -21.13 -22.86
CA SER A 238 20.52 -20.52 -24.07
C SER A 238 19.97 -19.10 -24.24
N ILE A 239 20.75 -18.25 -24.92
CA ILE A 239 20.30 -16.96 -25.42
C ILE A 239 20.70 -16.87 -26.90
N THR A 240 19.70 -16.61 -27.79
CA THR A 240 19.93 -16.59 -29.23
C THR A 240 19.50 -15.25 -29.79
N TYR A 241 20.20 -14.80 -30.82
CA TYR A 241 19.80 -13.66 -31.61
C TYR A 241 19.42 -14.12 -33.02
N HIS A 242 18.37 -13.52 -33.57
CA HIS A 242 17.87 -13.81 -34.89
C HIS A 242 17.67 -12.50 -35.64
N ASN A 243 18.12 -12.46 -36.91
CA ASN A 243 17.82 -11.34 -37.78
C ASN A 243 18.14 -11.72 -39.23
N GLY A 244 17.15 -12.27 -39.92
CA GLY A 244 17.26 -12.50 -41.35
C GLY A 244 18.14 -13.72 -41.64
N ASP A 245 19.12 -13.54 -42.51
CA ASP A 245 20.20 -14.49 -42.71
C ASP A 245 21.30 -14.22 -41.67
N LYS A 246 20.93 -14.30 -40.39
CA LYS A 246 21.82 -14.02 -39.28
C LYS A 246 21.28 -14.71 -38.03
N TYR A 247 22.15 -15.48 -37.37
CA TYR A 247 21.75 -16.31 -36.25
C TYR A 247 22.96 -16.53 -35.35
N LEU A 248 22.78 -16.26 -34.06
CA LEU A 248 23.88 -16.36 -33.10
C LEU A 248 23.32 -16.87 -31.78
N ALA A 249 23.96 -17.88 -31.20
CA ALA A 249 23.47 -18.51 -29.98
C ALA A 249 24.62 -18.71 -29.00
N ILE A 250 24.34 -18.49 -27.71
CA ILE A 250 25.28 -18.84 -26.66
C ILE A 250 24.54 -19.70 -25.66
N ALA A 251 25.30 -20.55 -24.94
CA ALA A 251 24.76 -21.36 -23.87
C ALA A 251 25.63 -21.17 -22.63
N PRO A 252 25.55 -20.00 -21.98
CA PRO A 252 26.42 -19.69 -20.86
C PRO A 252 25.96 -20.44 -19.61
N PRO A 253 26.82 -21.30 -19.00
CA PRO A 253 26.42 -22.10 -17.81
C PRO A 253 25.88 -21.27 -16.62
N ILE A 254 26.30 -20.02 -16.54
CA ILE A 254 26.00 -19.14 -15.41
C ILE A 254 24.49 -18.87 -15.27
N ILE A 255 23.66 -19.07 -16.33
CA ILE A 255 22.24 -18.72 -16.26
C ILE A 255 21.42 -19.96 -15.95
N LYS A 256 22.05 -21.13 -15.91
CA LYS A 256 21.31 -22.38 -15.96
C LYS A 256 20.72 -22.73 -14.59
N GLN A 257 21.17 -22.06 -13.53
CA GLN A 257 20.75 -22.43 -12.18
C GLN A 257 19.29 -22.01 -11.93
N SER A 258 18.81 -20.95 -12.60
CA SER A 258 17.51 -20.37 -12.28
C SER A 258 16.93 -19.66 -13.51
N THR A 259 15.61 -19.79 -13.72
CA THR A 259 14.97 -19.25 -14.92
C THR A 259 15.02 -17.73 -14.88
N ILE A 260 15.43 -17.14 -16.00
CA ILE A 260 15.39 -15.71 -16.19
C ILE A 260 13.97 -15.32 -16.56
N VAL A 261 13.42 -14.28 -15.89
CA VAL A 261 12.01 -13.98 -16.00
C VAL A 261 11.75 -12.51 -16.34
N CYS A 262 12.79 -11.67 -16.39
CA CYS A 262 12.57 -10.30 -16.81
C CYS A 262 13.82 -9.73 -17.48
N HIS A 263 13.58 -8.75 -18.37
CA HIS A 263 14.62 -8.08 -19.13
C HIS A 263 14.32 -6.60 -19.16
N ASN A 264 15.38 -5.81 -19.36
CA ASN A 264 15.25 -4.37 -19.51
C ASN A 264 16.42 -3.85 -20.32
N ARG A 265 16.14 -2.92 -21.24
CA ARG A 265 17.15 -2.35 -22.12
C ARG A 265 17.87 -1.22 -21.36
N VAL A 266 19.20 -1.32 -21.26
CA VAL A 266 19.99 -0.29 -20.58
C VAL A 266 20.29 0.83 -21.56
N ASP A 267 20.83 0.46 -22.73
CA ASP A 267 21.27 1.43 -23.72
C ASP A 267 20.19 1.56 -24.78
N PRO A 268 19.87 2.80 -25.19
CA PRO A 268 18.90 3.04 -26.27
C PRO A 268 19.10 2.22 -27.55
N ASN A 269 20.34 1.86 -27.84
CA ASN A 269 20.65 1.18 -29.10
C ASN A 269 20.76 -0.33 -28.87
N GLY A 270 20.49 -0.78 -27.64
CA GLY A 270 20.35 -2.19 -27.35
C GLY A 270 21.68 -2.87 -27.08
N SER A 271 22.72 -2.07 -26.77
CA SER A 271 24.06 -2.63 -26.57
C SER A 271 24.12 -3.45 -25.29
N ARG A 272 23.21 -3.15 -24.34
CA ARG A 272 23.20 -3.80 -23.04
C ARG A 272 21.77 -3.94 -22.52
N TYR A 273 21.50 -5.10 -21.92
CA TYR A 273 20.26 -5.39 -21.26
C TYR A 273 20.54 -5.92 -19.85
N LEU A 274 19.62 -5.63 -18.93
CA LEU A 274 19.57 -6.29 -17.64
C LEU A 274 18.66 -7.52 -17.75
N LEU A 275 19.05 -8.61 -17.07
CA LEU A 275 18.25 -9.82 -16.94
C LEU A 275 18.12 -10.18 -15.47
N GLY A 276 16.91 -10.60 -15.04
CA GLY A 276 16.69 -11.02 -13.67
C GLY A 276 16.11 -12.43 -13.63
N ASP A 277 16.55 -13.25 -12.65
CA ASP A 277 16.10 -14.62 -12.52
C ASP A 277 15.30 -14.80 -11.22
N MET A 278 14.86 -16.05 -10.98
N MET A 278 14.82 -16.03 -10.98
CA MET A 278 13.90 -16.37 -9.94
CA MET A 278 13.89 -16.29 -9.88
C MET A 278 14.60 -16.46 -8.57
C MET A 278 14.60 -16.29 -8.53
N GLU A 279 15.94 -16.29 -8.54
CA GLU A 279 16.70 -16.24 -7.30
C GLU A 279 17.25 -14.85 -7.05
N GLY A 280 16.79 -13.86 -7.82
CA GLY A 280 17.21 -12.49 -7.63
C GLY A 280 18.61 -12.16 -8.20
N ARG A 281 19.19 -13.07 -9.00
N ARG A 281 19.18 -13.07 -9.01
CA ARG A 281 20.42 -12.74 -9.69
CA ARG A 281 20.42 -12.76 -9.71
C ARG A 281 20.11 -11.68 -10.74
C ARG A 281 20.12 -11.70 -10.76
N LEU A 282 21.04 -10.73 -10.89
CA LEU A 282 20.94 -9.68 -11.89
C LEU A 282 22.13 -9.82 -12.85
N PHE A 283 21.83 -9.98 -14.14
CA PHE A 283 22.85 -10.11 -15.18
C PHE A 283 22.86 -8.87 -16.07
N MET A 284 24.04 -8.61 -16.67
CA MET A 284 24.14 -7.77 -17.84
C MET A 284 24.32 -8.68 -19.06
N LEU A 285 23.46 -8.47 -20.07
CA LEU A 285 23.62 -9.06 -21.39
C LEU A 285 24.24 -8.01 -22.31
N LEU A 286 25.36 -8.34 -22.94
CA LEU A 286 26.09 -7.37 -23.73
C LEU A 286 26.14 -7.82 -25.18
N LEU A 287 25.68 -6.95 -26.09
CA LEU A 287 25.72 -7.20 -27.53
C LEU A 287 26.94 -6.50 -28.10
N GLU A 288 27.83 -7.28 -28.70
CA GLU A 288 29.02 -6.70 -29.33
C GLU A 288 28.72 -6.42 -30.80
N LYS A 289 29.10 -5.23 -31.25
CA LYS A 289 28.83 -4.79 -32.61
C LYS A 289 29.94 -5.28 -33.54
N GLU A 290 29.57 -5.53 -34.80
CA GLU A 290 30.51 -5.66 -35.90
C GLU A 290 30.14 -4.66 -37.00
N GLU A 291 31.15 -3.97 -37.51
CA GLU A 291 30.95 -2.99 -38.56
C GLU A 291 30.78 -3.68 -39.90
N GLN A 292 30.20 -2.96 -40.87
CA GLN A 292 30.08 -3.44 -42.23
C GLN A 292 30.43 -2.31 -43.21
N MET A 293 30.88 -2.67 -44.42
CA MET A 293 31.28 -1.68 -45.41
C MET A 293 30.10 -0.76 -45.76
N ASP A 294 28.89 -1.33 -45.82
CA ASP A 294 27.72 -0.57 -46.20
C ASP A 294 27.22 0.28 -45.03
N GLY A 295 27.83 0.12 -43.86
CA GLY A 295 27.58 1.01 -42.73
C GLY A 295 26.48 0.48 -41.81
N THR A 296 25.91 -0.69 -42.13
CA THR A 296 25.06 -1.39 -41.19
C THR A 296 25.94 -1.96 -40.08
N VAL A 297 25.27 -2.35 -38.99
CA VAL A 297 25.91 -2.93 -37.83
C VAL A 297 25.24 -4.27 -37.58
N THR A 298 26.05 -5.33 -37.49
CA THR A 298 25.55 -6.67 -37.19
C THR A 298 26.13 -7.12 -35.85
N LEU A 299 25.54 -8.19 -35.30
CA LEU A 299 25.92 -8.67 -33.98
C LEU A 299 27.12 -9.61 -34.13
N LYS A 300 28.24 -9.24 -33.48
CA LYS A 300 29.45 -10.06 -33.49
C LYS A 300 29.35 -11.18 -32.47
N ASP A 301 28.87 -10.86 -31.25
CA ASP A 301 28.85 -11.84 -30.16
C ASP A 301 27.92 -11.35 -29.04
N LEU A 302 27.54 -12.29 -28.15
CA LEU A 302 26.76 -12.03 -26.94
C LEU A 302 27.56 -12.52 -25.74
N ARG A 303 27.54 -11.76 -24.65
CA ARG A 303 28.17 -12.17 -23.41
C ARG A 303 27.20 -11.88 -22.27
N VAL A 304 27.28 -12.70 -21.22
CA VAL A 304 26.48 -12.51 -20.01
C VAL A 304 27.41 -12.38 -18.81
N GLU A 305 27.17 -11.37 -17.97
CA GLU A 305 27.94 -11.16 -16.77
C GLU A 305 27.01 -11.06 -15.56
N LEU A 306 27.38 -11.71 -14.46
CA LEU A 306 26.67 -11.62 -13.19
C LEU A 306 27.02 -10.30 -12.50
N LEU A 307 26.01 -9.49 -12.19
CA LEU A 307 26.28 -8.22 -11.56
C LEU A 307 26.20 -8.35 -10.04
N GLY A 308 25.35 -9.25 -9.56
CA GLY A 308 25.00 -9.27 -8.15
C GLY A 308 23.59 -9.79 -7.92
N GLU A 309 23.02 -9.44 -6.77
CA GLU A 309 21.73 -9.94 -6.33
C GLU A 309 20.80 -8.77 -5.97
N THR A 310 19.52 -8.88 -6.38
CA THR A 310 18.46 -7.94 -5.97
C THR A 310 17.34 -8.74 -5.31
N SER A 311 16.27 -8.06 -4.93
CA SER A 311 15.00 -8.73 -4.70
C SER A 311 14.61 -9.52 -5.94
N ILE A 312 13.87 -10.61 -5.75
CA ILE A 312 13.28 -11.34 -6.86
C ILE A 312 12.43 -10.35 -7.67
N ALA A 313 12.84 -10.11 -8.92
CA ALA A 313 12.25 -9.06 -9.73
C ALA A 313 11.11 -9.62 -10.58
N GLU A 314 9.98 -8.91 -10.57
CA GLU A 314 8.95 -9.07 -11.57
C GLU A 314 9.29 -8.20 -12.77
N CYS A 315 9.88 -7.03 -12.50
CA CYS A 315 10.32 -6.16 -13.58
C CYS A 315 11.57 -5.40 -13.14
N LEU A 316 12.34 -4.96 -14.13
CA LEU A 316 13.52 -4.11 -13.94
C LEU A 316 13.37 -2.90 -14.84
N THR A 317 13.73 -1.71 -14.34
CA THR A 317 13.82 -0.54 -15.19
C THR A 317 15.09 0.23 -14.86
N TYR A 318 16.02 0.29 -15.83
CA TYR A 318 17.16 1.17 -15.75
C TYR A 318 16.69 2.63 -15.83
N LEU A 319 17.21 3.49 -14.93
CA LEU A 319 16.75 4.87 -14.77
C LEU A 319 17.88 5.88 -15.05
N ASP A 320 18.94 5.47 -15.76
CA ASP A 320 20.10 6.33 -16.01
C ASP A 320 20.95 6.51 -14.74
N ASN A 321 22.24 6.81 -14.96
CA ASN A 321 23.20 7.12 -13.90
C ASN A 321 23.42 5.93 -12.98
N GLY A 322 23.26 4.72 -13.52
CA GLY A 322 23.58 3.51 -12.77
C GLY A 322 22.43 3.04 -11.87
N VAL A 323 21.33 3.78 -11.85
CA VAL A 323 20.21 3.48 -10.95
C VAL A 323 19.21 2.56 -11.66
N VAL A 324 18.80 1.48 -10.95
CA VAL A 324 17.77 0.55 -11.42
C VAL A 324 16.66 0.44 -10.37
N PHE A 325 15.41 0.51 -10.84
CA PHE A 325 14.26 0.17 -10.04
C PHE A 325 13.95 -1.32 -10.20
N VAL A 326 13.95 -2.02 -9.07
CA VAL A 326 13.65 -3.43 -9.00
C VAL A 326 12.21 -3.56 -8.47
N GLY A 327 11.27 -3.84 -9.38
CA GLY A 327 9.87 -4.06 -9.01
C GLY A 327 9.63 -5.53 -8.67
N SER A 328 9.22 -5.78 -7.43
CA SER A 328 9.07 -7.13 -6.90
C SER A 328 7.61 -7.42 -6.58
N ARG A 329 7.19 -8.64 -6.90
CA ARG A 329 5.90 -9.22 -6.49
C ARG A 329 6.06 -10.05 -5.22
N LEU A 330 7.22 -10.72 -5.08
CA LEU A 330 7.43 -11.74 -4.05
C LEU A 330 8.20 -11.18 -2.84
N GLY A 331 8.78 -9.98 -2.99
CA GLY A 331 9.50 -9.33 -1.91
C GLY A 331 9.43 -7.81 -2.01
N ASP A 332 10.24 -7.14 -1.21
CA ASP A 332 10.32 -5.69 -1.24
C ASP A 332 10.87 -5.24 -2.58
N SER A 333 10.34 -4.12 -3.07
CA SER A 333 10.92 -3.46 -4.24
C SER A 333 12.14 -2.67 -3.78
N GLN A 334 13.00 -2.27 -4.73
CA GLN A 334 14.25 -1.59 -4.41
C GLN A 334 14.57 -0.53 -5.46
N LEU A 335 15.37 0.46 -5.06
CA LEU A 335 16.29 1.12 -5.95
C LEU A 335 17.68 0.56 -5.70
N VAL A 336 18.38 0.13 -6.76
CA VAL A 336 19.75 -0.33 -6.61
C VAL A 336 20.64 0.51 -7.52
N LYS A 337 21.92 0.62 -7.13
N LYS A 337 21.92 0.60 -7.13
CA LYS A 337 22.92 1.30 -7.95
CA LYS A 337 22.93 1.28 -7.92
C LYS A 337 23.92 0.28 -8.47
C LYS A 337 23.92 0.25 -8.47
N LEU A 338 24.24 0.39 -9.76
CA LEU A 338 25.22 -0.46 -10.40
C LEU A 338 26.54 0.33 -10.44
N ASN A 339 27.61 -0.27 -9.90
CA ASN A 339 28.92 0.36 -9.92
C ASN A 339 29.79 -0.25 -11.01
N VAL A 340 30.61 0.59 -11.65
CA VAL A 340 31.55 0.15 -12.66
C VAL A 340 32.53 -0.85 -12.03
N ASP A 341 32.94 -0.56 -10.78
CA ASP A 341 33.87 -1.44 -10.06
C ASP A 341 33.10 -2.24 -9.02
N SER A 342 33.52 -3.50 -8.83
CA SER A 342 32.88 -4.40 -7.89
C SER A 342 33.31 -4.06 -6.46
N ASN A 343 32.77 -4.80 -5.49
CA ASN A 343 33.07 -4.59 -4.09
C ASN A 343 33.83 -5.80 -3.57
N GLU A 344 34.00 -5.88 -2.23
CA GLU A 344 34.90 -6.83 -1.60
C GLU A 344 34.39 -8.26 -1.81
N GLN A 345 33.07 -8.41 -2.04
CA GLN A 345 32.48 -9.71 -2.27
C GLN A 345 32.37 -9.99 -3.78
N GLY A 346 32.45 -8.93 -4.61
CA GLY A 346 32.51 -9.08 -6.05
C GLY A 346 31.23 -8.61 -6.76
N SER A 347 30.27 -8.09 -5.98
CA SER A 347 29.03 -7.56 -6.53
C SER A 347 29.26 -6.15 -7.07
N TYR A 348 28.57 -5.82 -8.16
CA TYR A 348 28.53 -4.48 -8.70
C TYR A 348 27.26 -3.75 -8.21
N VAL A 349 26.42 -4.46 -7.42
CA VAL A 349 25.10 -3.96 -7.07
C VAL A 349 25.12 -3.48 -5.62
N VAL A 350 24.63 -2.25 -5.41
CA VAL A 350 24.51 -1.67 -4.09
C VAL A 350 23.07 -1.16 -3.92
N ALA A 351 22.35 -1.72 -2.95
CA ALA A 351 21.00 -1.29 -2.66
C ALA A 351 21.01 0.15 -2.13
N MET A 352 20.15 1.00 -2.67
CA MET A 352 20.05 2.38 -2.21
C MET A 352 18.82 2.55 -1.31
N GLU A 353 17.73 1.87 -1.66
CA GLU A 353 16.44 2.10 -1.03
C GLU A 353 15.56 0.85 -1.19
N THR A 354 14.79 0.56 -0.14
CA THR A 354 13.92 -0.60 -0.08
C THR A 354 12.50 -0.09 0.08
N PHE A 355 11.54 -0.70 -0.63
CA PHE A 355 10.14 -0.32 -0.55
C PHE A 355 9.29 -1.52 -0.12
N THR A 356 8.40 -1.28 0.87
CA THR A 356 7.69 -2.35 1.56
C THR A 356 6.70 -3.05 0.62
N ASN A 357 6.76 -4.38 0.56
CA ASN A 357 5.76 -5.20 -0.12
C ASN A 357 5.32 -6.26 0.86
N LEU A 358 4.02 -6.26 1.15
CA LEU A 358 3.44 -7.25 2.04
C LEU A 358 3.13 -8.54 1.28
N GLY A 359 3.15 -8.49 -0.06
CA GLY A 359 2.58 -9.60 -0.83
C GLY A 359 3.60 -10.66 -1.23
N PRO A 360 3.15 -11.91 -1.52
CA PRO A 360 1.79 -12.36 -1.20
C PRO A 360 1.59 -12.52 0.29
N ILE A 361 0.40 -12.15 0.77
CA ILE A 361 -0.04 -12.53 2.10
C ILE A 361 -0.70 -13.91 2.00
N VAL A 362 -0.03 -14.95 2.52
CA VAL A 362 -0.50 -16.32 2.32
C VAL A 362 -1.29 -16.78 3.56
N ASP A 363 -1.03 -16.17 4.70
CA ASP A 363 -1.80 -16.40 5.92
C ASP A 363 -1.54 -15.20 6.82
N MET A 364 -2.41 -15.01 7.81
CA MET A 364 -2.20 -13.98 8.81
C MET A 364 -3.05 -14.28 10.03
N CYS A 365 -2.76 -13.55 11.12
CA CYS A 365 -3.56 -13.62 12.32
C CYS A 365 -3.51 -12.27 13.03
N VAL A 366 -4.51 -12.02 13.90
CA VAL A 366 -4.58 -10.80 14.67
C VAL A 366 -4.29 -11.13 16.14
N VAL A 367 -3.39 -10.34 16.74
CA VAL A 367 -2.97 -10.57 18.12
C VAL A 367 -2.83 -9.21 18.80
N ASP A 368 -3.30 -9.12 20.04
CA ASP A 368 -3.06 -7.95 20.89
C ASP A 368 -1.66 -8.05 21.52
N LEU A 369 -0.63 -7.81 20.69
CA LEU A 369 0.75 -8.12 21.04
C LEU A 369 1.21 -7.33 22.25
N GLU A 370 0.94 -6.02 22.25
CA GLU A 370 1.58 -5.09 23.18
C GLU A 370 0.58 -4.67 24.26
N ARG A 371 -0.56 -4.11 23.85
CA ARG A 371 -1.61 -3.69 24.78
C ARG A 371 -2.88 -4.46 24.50
N GLN A 372 -3.79 -4.47 25.49
CA GLN A 372 -5.11 -5.04 25.33
C GLN A 372 -5.95 -4.10 24.44
N GLY A 373 -6.73 -4.70 23.52
CA GLY A 373 -7.69 -3.96 22.71
C GLY A 373 -7.05 -3.34 21.46
N GLN A 374 -5.72 -3.46 21.35
CA GLN A 374 -4.96 -2.91 20.24
C GLN A 374 -4.44 -4.04 19.35
N GLY A 375 -5.25 -4.42 18.35
CA GLY A 375 -4.93 -5.54 17.49
C GLY A 375 -3.76 -5.22 16.57
N GLN A 376 -2.88 -6.21 16.37
CA GLN A 376 -1.88 -6.10 15.31
C GLN A 376 -2.04 -7.31 14.38
N LEU A 377 -1.79 -7.08 13.10
CA LEU A 377 -1.86 -8.14 12.11
C LEU A 377 -0.45 -8.67 11.89
N VAL A 378 -0.28 -9.99 12.00
CA VAL A 378 0.98 -10.64 11.67
C VAL A 378 0.78 -11.53 10.47
N THR A 379 1.48 -11.23 9.36
CA THR A 379 1.26 -11.94 8.11
C THR A 379 2.42 -12.89 7.83
N CYS A 380 2.12 -13.98 7.14
CA CYS A 380 3.11 -14.71 6.36
C CYS A 380 3.19 -14.07 4.98
N SER A 381 4.33 -13.44 4.70
CA SER A 381 4.50 -12.58 3.52
C SER A 381 5.66 -13.10 2.66
N GLY A 382 5.52 -12.90 1.35
CA GLY A 382 6.60 -13.13 0.42
C GLY A 382 6.77 -14.62 0.09
N ALA A 383 7.84 -14.93 -0.65
CA ALA A 383 8.17 -16.30 -1.00
C ALA A 383 9.67 -16.45 -1.19
N PHE A 384 10.18 -17.67 -1.00
CA PHE A 384 11.58 -17.99 -1.24
C PHE A 384 12.45 -17.12 -0.35
N LYS A 385 13.53 -16.57 -0.92
CA LYS A 385 14.50 -15.83 -0.15
C LYS A 385 13.86 -14.57 0.44
N GLU A 386 12.70 -14.14 -0.12
CA GLU A 386 12.06 -12.90 0.32
C GLU A 386 11.05 -13.16 1.46
N GLY A 387 10.82 -14.43 1.77
CA GLY A 387 9.83 -14.78 2.79
C GLY A 387 10.07 -14.05 4.12
N SER A 388 8.95 -13.64 4.76
CA SER A 388 9.02 -12.83 5.95
C SER A 388 7.75 -12.98 6.79
N LEU A 389 7.84 -12.59 8.05
CA LEU A 389 6.68 -12.14 8.81
C LEU A 389 6.60 -10.62 8.71
N ARG A 390 5.38 -10.08 8.67
CA ARG A 390 5.18 -8.65 8.76
C ARG A 390 4.22 -8.38 9.91
N ILE A 391 4.57 -7.41 10.75
CA ILE A 391 3.73 -7.03 11.86
C ILE A 391 3.22 -5.62 11.59
N ILE A 392 1.89 -5.52 11.46
CA ILE A 392 1.24 -4.31 10.98
C ILE A 392 0.35 -3.75 12.10
N ARG A 393 0.54 -2.46 12.40
CA ARG A 393 -0.27 -1.82 13.43
C ARG A 393 -0.58 -0.37 13.03
N ASN A 394 -1.77 0.09 13.44
CA ASN A 394 -2.23 1.43 13.12
C ASN A 394 -1.46 2.46 13.95
N GLY A 395 -1.15 3.60 13.33
CA GLY A 395 -0.80 4.81 14.05
C GLY A 395 0.72 4.97 14.18
N ILE A 396 1.13 6.18 14.62
CA ILE A 396 2.52 6.56 14.65
C ILE A 396 3.01 6.51 16.09
N GLY A 397 4.17 5.88 16.29
CA GLY A 397 4.74 5.72 17.62
C GLY A 397 5.67 6.88 17.97
N ILE A 398 5.78 7.14 19.28
CA ILE A 398 6.79 8.02 19.84
C ILE A 398 7.75 7.21 20.72
N HIS A 399 9.06 7.43 20.55
CA HIS A 399 10.07 6.80 21.39
C HIS A 399 10.56 7.81 22.44
N GLU A 400 10.04 7.65 23.66
CA GLU A 400 10.24 8.58 24.75
C GLU A 400 11.68 8.46 25.28
N HIS A 401 12.39 9.59 25.34
CA HIS A 401 13.79 9.59 25.75
C HIS A 401 13.99 10.42 27.02
N ALA A 402 12.95 11.17 27.43
CA ALA A 402 13.01 11.92 28.66
C ALA A 402 11.59 12.15 29.18
N SER A 403 11.46 12.32 30.49
CA SER A 403 10.16 12.42 31.12
C SER A 403 10.29 13.17 32.44
N ILE A 404 9.72 14.38 32.49
CA ILE A 404 9.88 15.27 33.63
C ILE A 404 8.50 15.62 34.17
N ASP A 405 8.37 15.49 35.49
CA ASP A 405 7.14 15.85 36.18
C ASP A 405 7.09 17.37 36.33
N LEU A 406 6.06 17.99 35.76
CA LEU A 406 6.05 19.43 35.53
C LEU A 406 4.65 19.83 35.06
N PRO A 407 3.71 20.04 36.01
CA PRO A 407 2.30 20.27 35.67
C PRO A 407 2.00 21.64 35.08
N GLY A 408 0.89 21.74 34.34
CA GLY A 408 0.23 23.01 34.04
C GLY A 408 0.91 23.78 32.90
N ILE A 409 1.65 23.08 32.02
CA ILE A 409 2.30 23.72 30.88
C ILE A 409 1.22 24.22 29.92
N LYS A 410 1.41 25.45 29.39
CA LYS A 410 0.46 26.07 28.49
C LYS A 410 1.10 26.41 27.14
N GLY A 411 2.36 26.04 26.94
CA GLY A 411 3.03 26.28 25.67
C GLY A 411 4.50 25.96 25.75
N LEU A 412 5.09 25.66 24.59
CA LEU A 412 6.46 25.22 24.47
C LEU A 412 7.08 25.91 23.25
N TRP A 413 8.31 26.40 23.42
CA TRP A 413 9.06 27.00 22.33
C TRP A 413 10.52 26.62 22.43
N PRO A 414 11.14 26.16 21.32
CA PRO A 414 12.55 25.88 21.28
C PRO A 414 13.33 27.14 20.89
N LEU A 415 14.57 27.22 21.36
CA LEU A 415 15.35 28.42 21.22
C LEU A 415 16.82 28.06 21.03
N ARG A 416 17.51 28.79 20.12
CA ARG A 416 18.96 28.74 20.01
C ARG A 416 19.58 29.94 20.74
N SER A 417 20.13 29.70 21.93
CA SER A 417 20.62 30.79 22.77
C SER A 417 22.02 31.22 22.30
N ASP A 418 22.68 30.35 21.53
CA ASP A 418 24.00 30.64 21.02
C ASP A 418 23.91 30.91 19.53
N PRO A 419 24.24 32.14 19.06
CA PRO A 419 24.15 32.46 17.63
C PRO A 419 25.09 31.65 16.75
N ASN A 420 26.07 30.98 17.37
CA ASN A 420 27.08 30.25 16.64
C ASN A 420 26.75 28.75 16.54
N ARG A 421 25.68 28.31 17.21
CA ARG A 421 25.32 26.88 17.20
C ARG A 421 23.98 26.70 16.49
N GLU A 422 23.87 25.63 15.70
CA GLU A 422 22.74 25.43 14.84
C GLU A 422 21.63 24.69 15.60
N THR A 423 22.00 23.93 16.63
CA THR A 423 21.03 23.16 17.38
C THR A 423 20.41 24.04 18.46
N ASP A 424 19.16 23.71 18.83
CA ASP A 424 18.50 24.34 19.97
C ASP A 424 19.25 23.97 21.24
N ASP A 425 19.18 24.84 22.25
CA ASP A 425 19.79 24.57 23.55
C ASP A 425 18.84 24.97 24.67
N THR A 426 17.64 25.44 24.31
CA THR A 426 16.73 26.06 25.26
C THR A 426 15.30 25.64 24.95
N LEU A 427 14.54 25.39 26.00
CA LEU A 427 13.13 25.10 25.87
C LEU A 427 12.39 26.00 26.85
N VAL A 428 11.53 26.87 26.30
CA VAL A 428 10.79 27.82 27.09
C VAL A 428 9.37 27.29 27.31
N LEU A 429 8.91 27.36 28.58
CA LEU A 429 7.62 26.87 29.00
C LEU A 429 6.73 28.03 29.47
N SER A 430 5.48 28.03 29.01
N SER A 430 5.48 28.07 29.00
CA SER A 430 4.46 28.92 29.54
CA SER A 430 4.47 28.96 29.56
C SER A 430 3.61 28.19 30.59
C SER A 430 3.61 28.20 30.57
N PHE A 431 3.08 28.94 31.55
CA PHE A 431 2.11 28.46 32.53
C PHE A 431 1.07 29.56 32.71
N VAL A 432 0.01 29.31 33.48
CA VAL A 432 -0.91 30.40 33.76
C VAL A 432 -0.12 31.51 34.46
N GLY A 433 -0.08 32.69 33.83
CA GLY A 433 0.52 33.88 34.44
C GLY A 433 2.06 33.84 34.53
N GLN A 434 2.75 32.83 33.95
CA GLN A 434 4.17 32.66 34.23
C GLN A 434 4.92 32.03 33.05
N THR A 435 6.26 32.17 33.07
CA THR A 435 7.13 31.53 32.10
C THR A 435 8.30 30.90 32.84
N ARG A 436 8.81 29.78 32.33
CA ARG A 436 10.04 29.21 32.82
C ARG A 436 10.92 28.80 31.65
N VAL A 437 12.22 28.92 31.83
CA VAL A 437 13.18 28.61 30.80
C VAL A 437 14.00 27.41 31.24
N LEU A 438 14.11 26.42 30.35
CA LEU A 438 14.93 25.25 30.60
C LEU A 438 16.11 25.31 29.65
N MET A 439 17.31 25.04 30.20
CA MET A 439 18.50 24.91 29.38
C MET A 439 18.79 23.41 29.22
N LEU A 440 19.35 23.05 28.06
CA LEU A 440 19.69 21.68 27.74
C LEU A 440 21.20 21.56 27.58
N ASN A 441 21.83 20.84 28.51
CA ASN A 441 23.24 20.45 28.41
C ASN A 441 23.27 18.93 28.23
N GLY A 442 23.59 18.48 27.01
CA GLY A 442 23.40 17.08 26.65
C GLY A 442 21.98 16.64 26.98
N GLU A 443 21.85 15.59 27.82
CA GLU A 443 20.56 15.04 28.16
C GLU A 443 20.03 15.69 29.44
N GLU A 444 20.85 16.51 30.08
CA GLU A 444 20.45 17.18 31.30
C GLU A 444 19.57 18.37 30.95
N VAL A 445 18.55 18.60 31.80
CA VAL A 445 17.53 19.59 31.55
C VAL A 445 17.28 20.35 32.85
N GLU A 446 17.68 21.62 32.87
CA GLU A 446 17.77 22.36 34.11
C GLU A 446 17.04 23.69 33.97
N GLU A 447 16.35 24.10 35.03
CA GLU A 447 15.81 25.45 35.10
C GLU A 447 16.96 26.44 35.02
N THR A 448 16.61 27.68 34.65
CA THR A 448 17.56 28.78 34.53
C THR A 448 16.77 30.04 34.22
N GLU A 449 17.43 31.20 34.39
CA GLU A 449 16.87 32.46 33.92
C GLU A 449 17.51 32.77 32.57
N LEU A 450 16.88 33.66 31.80
CA LEU A 450 17.45 34.15 30.55
C LEU A 450 17.25 35.66 30.50
N MET A 451 18.36 36.40 30.68
CA MET A 451 18.30 37.84 30.70
C MET A 451 17.48 38.32 29.50
N GLY A 452 16.59 39.28 29.74
CA GLY A 452 15.76 39.83 28.70
C GLY A 452 14.32 39.32 28.79
N PHE A 453 14.18 38.02 29.10
CA PHE A 453 12.86 37.40 29.22
C PHE A 453 12.33 37.66 30.63
N VAL A 454 11.02 37.76 30.75
CA VAL A 454 10.39 37.87 32.05
C VAL A 454 9.78 36.52 32.40
N ASP A 455 9.71 36.21 33.71
CA ASP A 455 9.26 34.92 34.17
C ASP A 455 7.89 35.06 34.84
N ASP A 456 7.38 36.31 34.94
CA ASP A 456 6.17 36.62 35.71
C ASP A 456 5.03 37.10 34.81
N GLN A 457 5.12 36.79 33.51
CA GLN A 457 4.00 36.93 32.60
C GLN A 457 3.91 35.63 31.80
N GLN A 458 2.71 35.33 31.27
CA GLN A 458 2.54 34.16 30.43
C GLN A 458 3.11 34.46 29.03
N THR A 459 3.92 33.54 28.50
CA THR A 459 4.46 33.70 27.15
C THR A 459 3.49 33.11 26.13
N PHE A 460 3.27 33.87 25.04
CA PHE A 460 2.46 33.43 23.93
C PHE A 460 3.34 33.03 22.73
N PHE A 461 4.53 33.60 22.66
CA PHE A 461 5.49 33.17 21.65
C PHE A 461 6.88 33.57 22.11
N CYS A 462 7.86 32.73 21.82
CA CYS A 462 9.25 33.18 21.90
C CYS A 462 10.10 32.36 20.95
N GLY A 463 11.20 32.95 20.51
CA GLY A 463 11.98 32.34 19.44
C GLY A 463 13.14 33.21 18.99
N ASN A 464 13.89 32.67 18.02
CA ASN A 464 14.96 33.37 17.35
C ASN A 464 14.35 34.29 16.32
N VAL A 465 14.87 35.52 16.22
CA VAL A 465 14.40 36.40 15.19
C VAL A 465 15.61 37.08 14.54
N ALA A 466 15.31 37.88 13.52
CA ALA A 466 16.30 38.48 12.63
C ALA A 466 17.31 39.34 13.42
N HIS A 467 18.50 39.51 12.83
CA HIS A 467 19.56 40.36 13.32
C HIS A 467 20.15 39.80 14.62
N GLN A 468 20.27 38.46 14.71
CA GLN A 468 20.81 37.81 15.89
C GLN A 468 20.12 38.33 17.15
N GLN A 469 18.79 38.14 17.20
CA GLN A 469 18.00 38.56 18.34
C GLN A 469 17.05 37.44 18.77
N LEU A 470 16.51 37.59 19.98
CA LEU A 470 15.47 36.71 20.50
C LEU A 470 14.23 37.57 20.73
N ILE A 471 13.06 36.93 20.71
CA ILE A 471 11.83 37.64 21.01
C ILE A 471 11.01 36.84 22.02
N GLN A 472 10.39 37.57 22.95
CA GLN A 472 9.39 37.02 23.85
C GLN A 472 8.16 37.90 23.78
N ILE A 473 7.01 37.27 23.43
CA ILE A 473 5.73 37.95 23.44
C ILE A 473 4.92 37.39 24.59
N THR A 474 4.49 38.27 25.50
CA THR A 474 3.70 37.88 26.65
C THR A 474 2.35 38.58 26.59
N SER A 475 1.57 38.41 27.66
CA SER A 475 0.32 39.12 27.84
C SER A 475 0.52 40.62 28.01
N ALA A 476 1.74 41.04 28.40
CA ALA A 476 1.99 42.44 28.70
C ALA A 476 2.68 43.17 27.55
N SER A 477 3.63 42.54 26.87
CA SER A 477 4.48 43.25 25.92
C SER A 477 5.14 42.30 24.95
N VAL A 478 5.77 42.90 23.91
CA VAL A 478 6.70 42.23 23.01
C VAL A 478 8.11 42.66 23.38
N ARG A 479 8.96 41.68 23.70
CA ARG A 479 10.30 41.97 24.18
C ARG A 479 11.33 41.48 23.16
N LEU A 480 12.23 42.40 22.77
CA LEU A 480 13.27 42.10 21.81
C LEU A 480 14.62 42.07 22.53
N VAL A 481 15.38 41.00 22.34
CA VAL A 481 16.56 40.73 23.15
C VAL A 481 17.76 40.44 22.26
N SER A 482 18.90 41.07 22.56
CA SER A 482 20.14 40.79 21.82
C SER A 482 20.71 39.45 22.22
N GLN A 483 21.41 38.79 21.30
CA GLN A 483 22.02 37.48 21.59
C GLN A 483 23.28 37.64 22.43
N GLU A 484 24.11 38.65 22.12
CA GLU A 484 25.41 38.77 22.79
C GLU A 484 25.70 40.23 23.13
N PRO A 485 25.61 40.64 24.40
CA PRO A 485 25.04 39.82 25.46
C PRO A 485 23.50 39.79 25.42
N LYS A 486 22.89 39.08 26.37
CA LYS A 486 21.44 38.99 26.46
C LYS A 486 20.91 40.24 27.16
N ALA A 487 20.41 41.19 26.39
CA ALA A 487 19.90 42.43 26.95
C ALA A 487 18.59 42.78 26.24
N LEU A 488 17.72 43.53 26.93
CA LEU A 488 16.50 44.04 26.32
C LEU A 488 16.87 45.20 25.41
N VAL A 489 16.57 45.10 24.12
CA VAL A 489 16.98 46.14 23.19
C VAL A 489 15.75 46.90 22.68
N SER A 490 14.55 46.36 22.88
CA SER A 490 13.34 47.06 22.44
C SER A 490 12.13 46.37 23.05
N GLU A 491 11.14 47.17 23.46
CA GLU A 491 9.93 46.65 24.08
C GLU A 491 8.73 47.40 23.52
N TRP A 492 7.76 46.65 22.98
CA TRP A 492 6.53 47.21 22.43
C TRP A 492 5.38 46.94 23.39
N LYS A 493 4.58 47.99 23.63
CA LYS A 493 3.31 47.85 24.31
C LYS A 493 2.22 48.58 23.53
N GLU A 494 1.00 48.11 23.71
CA GLU A 494 -0.19 48.76 23.19
C GLU A 494 -0.25 50.19 23.77
N PRO A 495 -0.79 51.21 23.06
CA PRO A 495 -0.72 52.59 23.53
C PRO A 495 -1.19 52.85 24.97
N GLN A 496 -2.20 52.10 25.45
CA GLN A 496 -2.61 52.18 26.85
C GLN A 496 -2.20 50.95 27.64
N ALA A 497 -1.19 50.21 27.14
CA ALA A 497 -0.64 49.07 27.86
C ALA A 497 -1.73 48.04 28.19
N LYS A 498 -2.75 47.92 27.33
CA LYS A 498 -3.71 46.83 27.45
C LYS A 498 -3.00 45.50 27.16
N ASN A 499 -3.57 44.40 27.67
CA ASN A 499 -3.02 43.08 27.48
C ASN A 499 -3.03 42.65 26.00
N ILE A 500 -1.97 41.95 25.60
CA ILE A 500 -1.96 41.21 24.36
C ILE A 500 -2.71 39.91 24.58
N SER A 501 -3.60 39.55 23.63
CA SER A 501 -4.47 38.41 23.76
C SER A 501 -4.07 37.28 22.82
N VAL A 502 -3.46 37.60 21.66
CA VAL A 502 -3.06 36.60 20.68
C VAL A 502 -1.77 37.07 20.03
N ALA A 503 -0.84 36.16 19.73
CA ALA A 503 0.43 36.53 19.11
C ALA A 503 0.78 35.56 17.98
N SER A 504 1.36 36.10 16.91
CA SER A 504 2.07 35.28 15.95
C SER A 504 3.31 36.00 15.46
N CYS A 505 4.30 35.22 15.05
CA CYS A 505 5.65 35.74 14.86
C CYS A 505 6.41 34.83 13.90
N ASN A 506 7.17 35.43 12.99
CA ASN A 506 8.18 34.74 12.23
C ASN A 506 9.51 35.45 12.48
N SER A 507 10.50 35.24 11.59
CA SER A 507 11.83 35.75 11.85
C SER A 507 11.86 37.28 11.86
N SER A 508 10.99 37.94 11.06
CA SER A 508 11.11 39.39 10.93
C SER A 508 9.78 40.13 11.14
N GLN A 509 8.67 39.42 11.39
CA GLN A 509 7.36 40.04 11.45
C GLN A 509 6.63 39.56 12.71
N VAL A 510 5.81 40.45 13.28
CA VAL A 510 4.97 40.14 14.43
C VAL A 510 3.57 40.66 14.15
N VAL A 511 2.55 39.85 14.47
CA VAL A 511 1.21 40.38 14.55
C VAL A 511 0.63 39.98 15.90
N VAL A 512 0.18 40.98 16.67
CA VAL A 512 -0.42 40.75 17.97
C VAL A 512 -1.84 41.29 17.95
N ALA A 513 -2.73 40.62 18.66
CA ALA A 513 -4.08 41.09 18.84
C ALA A 513 -4.22 41.61 20.27
N VAL A 514 -5.02 42.67 20.38
CA VAL A 514 -5.49 43.17 21.66
C VAL A 514 -7.01 43.31 21.58
N GLY A 515 -7.73 42.27 22.01
CA GLY A 515 -9.16 42.19 21.82
C GLY A 515 -9.50 42.11 20.33
N ARG A 516 -10.06 43.21 19.81
N ARG A 516 -10.06 43.21 19.81
CA ARG A 516 -10.42 43.32 18.40
CA ARG A 516 -10.43 43.34 18.42
C ARG A 516 -9.30 43.99 17.60
C ARG A 516 -9.29 43.97 17.61
N ALA A 517 -8.36 44.64 18.27
CA ALA A 517 -7.29 45.37 17.58
C ALA A 517 -6.16 44.42 17.16
N LEU A 518 -5.59 44.69 15.98
CA LEU A 518 -4.39 44.01 15.51
C LEU A 518 -3.29 45.06 15.33
N TYR A 519 -2.05 44.67 15.67
CA TYR A 519 -0.85 45.46 15.42
C TYR A 519 0.15 44.61 14.64
N TYR A 520 0.74 45.21 13.59
CA TYR A 520 1.80 44.58 12.79
C TYR A 520 3.10 45.29 13.10
N LEU A 521 4.08 44.51 13.58
CA LEU A 521 5.42 45.01 13.87
C LEU A 521 6.42 44.32 12.95
N GLN A 522 7.53 45.03 12.69
CA GLN A 522 8.68 44.46 12.00
C GLN A 522 9.86 44.46 12.95
N ILE A 523 10.68 43.41 12.88
CA ILE A 523 11.84 43.28 13.72
C ILE A 523 13.07 43.84 12.98
N HIS A 524 13.65 44.90 13.53
CA HIS A 524 14.86 45.54 13.00
C HIS A 524 15.94 45.51 14.09
N PRO A 525 17.20 45.88 13.75
CA PRO A 525 18.27 45.90 14.74
C PRO A 525 17.88 46.76 15.95
N GLN A 526 17.79 46.13 17.12
CA GLN A 526 17.45 46.83 18.36
C GLN A 526 16.16 47.63 18.20
N GLU A 527 15.23 47.14 17.38
CA GLU A 527 14.02 47.91 17.14
C GLU A 527 12.84 47.00 16.80
N LEU A 528 11.79 47.12 17.58
CA LEU A 528 10.46 46.69 17.18
C LEU A 528 9.75 47.88 16.55
N ARG A 529 9.46 47.79 15.24
CA ARG A 529 8.89 48.92 14.55
C ARG A 529 7.41 48.66 14.31
N GLN A 530 6.56 49.57 14.79
CA GLN A 530 5.13 49.46 14.56
C GLN A 530 4.83 49.98 13.17
N ILE A 531 4.24 49.12 12.33
CA ILE A 531 4.04 49.44 10.92
C ILE A 531 2.60 49.90 10.71
N SER A 532 1.63 49.15 11.26
CA SER A 532 0.24 49.36 10.96
C SER A 532 -0.63 48.74 12.06
N HIS A 533 -1.92 49.11 12.06
CA HIS A 533 -2.87 48.47 12.95
C HIS A 533 -4.26 48.58 12.35
N THR A 534 -5.17 47.76 12.91
CA THR A 534 -6.54 47.79 12.48
C THR A 534 -7.43 47.34 13.62
N GLU A 535 -8.74 47.55 13.43
CA GLU A 535 -9.75 47.06 14.35
C GLU A 535 -10.63 46.05 13.61
N MET A 536 -10.63 44.79 14.06
CA MET A 536 -11.44 43.77 13.40
C MET A 536 -12.91 43.96 13.80
N GLU A 537 -13.81 43.36 13.02
CA GLU A 537 -15.25 43.45 13.26
C GLU A 537 -15.62 42.76 14.57
N HIS A 538 -14.87 41.71 14.92
CA HIS A 538 -15.11 40.92 16.11
C HIS A 538 -13.78 40.68 16.84
N GLU A 539 -13.90 40.19 18.07
CA GLU A 539 -12.76 39.77 18.87
C GLU A 539 -11.94 38.74 18.08
N VAL A 540 -10.61 38.82 18.24
CA VAL A 540 -9.71 37.94 17.51
C VAL A 540 -9.50 36.66 18.32
N ALA A 541 -9.62 35.51 17.65
CA ALA A 541 -9.53 34.20 18.30
C ALA A 541 -8.14 33.60 18.11
N CYS A 542 -7.56 33.78 16.93
CA CYS A 542 -6.28 33.15 16.61
C CYS A 542 -5.67 33.86 15.39
N LEU A 543 -4.34 33.73 15.24
CA LEU A 543 -3.56 34.44 14.23
C LEU A 543 -2.50 33.51 13.66
N ASP A 544 -2.08 33.77 12.41
CA ASP A 544 -0.89 33.14 11.89
C ASP A 544 -0.28 33.99 10.78
N ILE A 545 1.04 33.98 10.74
CA ILE A 545 1.81 34.66 9.70
C ILE A 545 2.98 33.77 9.25
N THR A 546 2.76 32.44 9.20
CA THR A 546 3.80 31.56 8.71
C THR A 546 4.12 31.93 7.25
N PRO A 547 5.40 32.21 6.92
CA PRO A 547 5.76 32.57 5.55
C PRO A 547 5.77 31.32 4.67
N LEU A 548 5.15 31.42 3.49
CA LEU A 548 5.06 30.31 2.56
C LEU A 548 5.84 30.63 1.29
N GLY A 549 6.44 29.59 0.68
CA GLY A 549 6.93 29.66 -0.69
C GLY A 549 8.31 30.31 -0.78
N ASP A 550 8.63 30.87 -1.96
CA ASP A 550 9.89 31.56 -2.20
C ASP A 550 9.78 32.99 -1.70
N SER A 551 9.64 33.13 -0.36
CA SER A 551 9.12 34.33 0.26
C SER A 551 10.24 35.11 0.95
N ASN A 552 11.34 34.41 1.27
CA ASN A 552 12.48 35.01 1.96
C ASN A 552 12.14 35.24 3.45
N GLY A 553 11.28 34.37 4.00
CA GLY A 553 10.95 34.39 5.42
C GLY A 553 9.93 35.48 5.75
N LEU A 554 9.29 36.07 4.74
CA LEU A 554 8.39 37.19 4.92
C LEU A 554 7.01 36.75 4.46
N SER A 555 5.98 37.15 5.21
CA SER A 555 4.61 36.89 4.82
C SER A 555 3.94 38.17 4.34
N PRO A 556 3.38 38.21 3.12
CA PRO A 556 2.48 39.29 2.73
C PRO A 556 1.06 39.08 3.24
N LEU A 557 0.84 37.95 3.94
CA LEU A 557 -0.48 37.52 4.38
C LEU A 557 -0.52 37.37 5.90
N CYS A 558 -1.69 37.65 6.46
CA CYS A 558 -2.01 37.34 7.83
C CYS A 558 -3.31 36.56 7.83
N ALA A 559 -3.26 35.35 8.40
CA ALA A 559 -4.44 34.52 8.57
C ALA A 559 -5.03 34.78 9.95
N ILE A 560 -6.37 34.92 10.02
CA ILE A 560 -7.01 35.28 11.26
C ILE A 560 -8.33 34.51 11.41
N GLY A 561 -8.62 34.09 12.66
CA GLY A 561 -9.91 33.54 13.04
C GLY A 561 -10.60 34.44 14.05
N LEU A 562 -11.92 34.63 13.88
CA LEU A 562 -12.69 35.58 14.69
C LEU A 562 -13.78 34.85 15.48
N TRP A 563 -14.04 35.39 16.67
CA TRP A 563 -15.25 35.18 17.44
C TRP A 563 -16.49 35.57 16.63
N THR A 564 -17.67 35.04 17.06
CA THR A 564 -19.00 35.55 16.72
C THR A 564 -19.40 35.09 15.31
N ASP A 565 -18.71 35.54 14.26
CA ASP A 565 -19.03 35.07 12.91
C ASP A 565 -18.25 33.79 12.59
N ILE A 566 -17.32 33.41 13.48
CA ILE A 566 -16.60 32.13 13.31
C ILE A 566 -15.93 32.12 11.94
N SER A 567 -15.26 33.23 11.59
CA SER A 567 -14.62 33.33 10.28
C SER A 567 -13.15 32.96 10.37
N ALA A 568 -12.66 32.40 9.27
CA ALA A 568 -11.25 32.40 8.89
C ALA A 568 -11.06 33.37 7.73
N ARG A 569 -10.13 34.30 7.87
CA ARG A 569 -9.93 35.34 6.88
C ARG A 569 -8.45 35.41 6.53
N ILE A 570 -8.19 35.78 5.28
CA ILE A 570 -6.85 36.11 4.84
C ILE A 570 -6.80 37.61 4.64
N LEU A 571 -5.86 38.27 5.35
CA LEU A 571 -5.66 39.70 5.27
C LEU A 571 -4.32 39.97 4.62
N LYS A 572 -4.25 41.10 3.88
CA LYS A 572 -2.99 41.60 3.34
C LYS A 572 -2.24 42.36 4.45
N LEU A 573 -0.93 42.14 4.54
CA LEU A 573 -0.07 43.04 5.30
C LEU A 573 0.62 44.00 4.32
N PRO A 574 0.86 45.28 4.68
CA PRO A 574 0.50 45.84 6.00
C PRO A 574 -0.89 46.44 6.20
N SER A 575 -1.66 46.58 5.12
CA SER A 575 -2.92 47.32 5.13
C SER A 575 -3.99 46.64 5.99
N PHE A 576 -3.90 45.30 6.17
CA PHE A 576 -4.96 44.53 6.82
C PHE A 576 -6.23 44.47 5.96
N GLU A 577 -6.10 44.74 4.65
CA GLU A 577 -7.21 44.60 3.72
C GLU A 577 -7.65 43.13 3.63
N LEU A 578 -8.97 42.93 3.68
CA LEU A 578 -9.58 41.61 3.64
C LEU A 578 -9.44 41.06 2.23
N LEU A 579 -8.73 39.94 2.09
CA LEU A 579 -8.57 39.32 0.78
C LEU A 579 -9.63 38.24 0.61
N HIS A 580 -10.00 37.57 1.70
CA HIS A 580 -10.89 36.43 1.59
C HIS A 580 -11.44 36.09 2.97
N LYS A 581 -12.75 35.81 3.01
CA LYS A 581 -13.43 35.46 4.24
C LYS A 581 -14.14 34.13 4.04
N GLU A 582 -13.98 33.20 5.00
CA GLU A 582 -14.75 31.97 5.04
C GLU A 582 -15.44 31.86 6.39
N MET A 583 -16.75 31.60 6.37
CA MET A 583 -17.52 31.41 7.60
C MET A 583 -17.62 29.92 7.86
N LEU A 584 -17.26 29.50 9.05
CA LEU A 584 -17.09 28.08 9.29
C LEU A 584 -18.35 27.48 9.91
N GLY A 585 -19.28 28.32 10.36
CA GLY A 585 -20.54 27.84 10.91
C GLY A 585 -20.46 27.61 12.42
N GLY A 586 -21.64 27.49 13.06
CA GLY A 586 -21.72 27.08 14.46
C GLY A 586 -21.55 28.27 15.41
N GLU A 587 -21.40 27.97 16.71
CA GLU A 587 -21.18 29.02 17.71
C GLU A 587 -19.92 28.70 18.52
N ILE A 588 -18.98 27.94 17.93
CA ILE A 588 -17.76 27.52 18.61
C ILE A 588 -16.56 28.12 17.86
N ILE A 589 -15.77 28.94 18.55
CA ILE A 589 -14.78 29.80 17.90
C ILE A 589 -13.61 28.96 17.37
N PRO A 590 -12.89 29.45 16.33
CA PRO A 590 -11.61 28.89 15.92
C PRO A 590 -10.59 29.02 17.03
N ARG A 591 -9.75 27.99 17.20
CA ARG A 591 -8.74 28.03 18.25
C ARG A 591 -7.33 28.08 17.68
N SER A 592 -7.13 27.55 16.49
CA SER A 592 -5.80 27.40 15.94
C SER A 592 -5.92 27.60 14.43
N ILE A 593 -5.05 28.44 13.87
CA ILE A 593 -5.06 28.68 12.44
C ILE A 593 -3.62 28.70 11.94
N LEU A 594 -3.41 28.14 10.75
CA LEU A 594 -2.07 27.90 10.26
C LEU A 594 -2.08 27.93 8.73
N MET A 595 -1.18 28.73 8.18
CA MET A 595 -0.81 28.63 6.78
C MET A 595 0.35 27.66 6.67
N THR A 596 0.29 26.74 5.72
CA THR A 596 1.29 25.69 5.66
C THR A 596 1.46 25.22 4.22
N THR A 597 2.59 24.56 3.96
CA THR A 597 2.92 23.99 2.66
C THR A 597 3.16 22.49 2.81
N PHE A 598 2.55 21.73 1.90
CA PHE A 598 2.72 20.29 1.82
C PHE A 598 2.91 19.90 0.36
N GLU A 599 3.97 19.13 0.07
CA GLU A 599 4.29 18.73 -1.29
C GLU A 599 4.11 19.92 -2.23
N SER A 600 4.59 21.09 -1.77
CA SER A 600 4.71 22.28 -2.60
C SER A 600 3.37 22.94 -2.91
N SER A 601 2.26 22.48 -2.30
CA SER A 601 1.00 23.21 -2.38
C SER A 601 0.75 23.91 -1.04
N HIS A 602 -0.02 25.01 -1.09
CA HIS A 602 -0.26 25.83 0.08
C HIS A 602 -1.67 25.59 0.60
N TYR A 603 -1.79 25.53 1.94
CA TYR A 603 -3.07 25.28 2.57
C TYR A 603 -3.29 26.25 3.71
N LEU A 604 -4.57 26.49 4.00
CA LEU A 604 -4.99 27.07 5.26
C LEU A 604 -5.69 26.00 6.09
N LEU A 605 -5.18 25.82 7.32
CA LEU A 605 -5.74 24.94 8.33
C LEU A 605 -6.39 25.79 9.40
N CYS A 606 -7.59 25.40 9.85
CA CYS A 606 -8.26 26.09 10.94
C CYS A 606 -9.01 25.11 11.81
N ALA A 607 -8.61 25.03 13.08
CA ALA A 607 -9.22 24.12 14.04
C ALA A 607 -10.20 24.85 14.94
N LEU A 608 -11.39 24.27 15.15
CA LEU A 608 -12.36 24.78 16.11
C LEU A 608 -12.17 24.09 17.44
N GLY A 609 -12.83 24.60 18.47
CA GLY A 609 -12.68 24.10 19.81
C GLY A 609 -13.45 22.79 20.02
N ASP A 610 -14.27 22.40 19.04
CA ASP A 610 -15.08 21.18 19.11
C ASP A 610 -14.35 20.00 18.47
N GLY A 611 -13.14 20.21 17.92
CA GLY A 611 -12.33 19.12 17.37
C GLY A 611 -12.35 19.11 15.84
N ALA A 612 -13.24 19.91 15.23
CA ALA A 612 -13.28 20.04 13.80
C ALA A 612 -12.00 20.70 13.28
N LEU A 613 -11.46 20.17 12.18
CA LEU A 613 -10.46 20.88 11.42
C LEU A 613 -10.98 21.13 10.02
N PHE A 614 -11.05 22.41 9.65
CA PHE A 614 -11.29 22.80 8.27
C PHE A 614 -9.96 23.06 7.59
N TYR A 615 -9.89 22.76 6.30
CA TYR A 615 -8.72 23.11 5.55
C TYR A 615 -9.11 23.50 4.13
N PHE A 616 -8.25 24.32 3.53
CA PHE A 616 -8.48 24.95 2.25
C PHE A 616 -7.15 24.97 1.49
N GLY A 617 -7.23 24.91 0.16
CA GLY A 617 -6.17 25.43 -0.68
C GLY A 617 -6.03 26.94 -0.52
N LEU A 618 -4.79 27.39 -0.52
CA LEU A 618 -4.47 28.79 -0.36
C LEU A 618 -3.63 29.21 -1.56
N ASN A 619 -4.11 30.21 -2.27
CA ASN A 619 -3.30 30.93 -3.24
C ASN A 619 -2.58 32.07 -2.53
N ILE A 620 -1.25 31.99 -2.46
CA ILE A 620 -0.48 32.93 -1.64
C ILE A 620 -0.29 34.24 -2.41
N GLU A 621 -0.74 34.28 -3.66
CA GLU A 621 -0.70 35.48 -4.47
C GLU A 621 -1.95 36.32 -4.20
N THR A 622 -3.13 35.66 -4.23
CA THR A 622 -4.40 36.36 -4.23
C THR A 622 -5.08 36.24 -2.87
N GLY A 623 -4.64 35.28 -2.05
CA GLY A 623 -5.23 35.04 -0.74
C GLY A 623 -6.52 34.22 -0.82
N LEU A 624 -6.86 33.75 -2.03
CA LEU A 624 -8.08 32.99 -2.24
C LEU A 624 -7.99 31.64 -1.53
N LEU A 625 -9.04 31.33 -0.77
CA LEU A 625 -9.25 29.99 -0.21
C LEU A 625 -10.19 29.21 -1.15
N SER A 626 -9.92 27.91 -1.36
CA SER A 626 -10.74 27.09 -2.23
C SER A 626 -10.82 25.65 -1.70
N ASP A 627 -11.81 24.91 -2.23
CA ASP A 627 -11.99 23.47 -1.99
C ASP A 627 -11.96 23.17 -0.50
N ARG A 628 -12.89 23.77 0.25
CA ARG A 628 -13.01 23.51 1.68
C ARG A 628 -13.22 22.02 1.91
N LYS A 629 -12.56 21.51 2.95
CA LYS A 629 -12.77 20.17 3.43
C LYS A 629 -12.76 20.20 4.95
N LYS A 630 -13.24 19.11 5.58
CA LYS A 630 -13.40 19.07 7.02
C LYS A 630 -13.24 17.65 7.54
N VAL A 631 -12.40 17.50 8.56
CA VAL A 631 -12.24 16.24 9.28
C VAL A 631 -12.41 16.54 10.75
N THR A 632 -12.68 15.49 11.54
CA THR A 632 -12.77 15.69 12.98
C THR A 632 -11.59 14.98 13.63
N LEU A 633 -10.88 15.70 14.51
CA LEU A 633 -9.58 15.25 14.99
C LEU A 633 -9.69 14.88 16.46
N GLY A 634 -10.91 14.80 16.98
CA GLY A 634 -11.11 14.74 18.41
C GLY A 634 -12.40 15.46 18.80
N THR A 635 -12.53 15.77 20.10
CA THR A 635 -13.71 16.44 20.61
C THR A 635 -13.31 17.68 21.40
N GLN A 636 -12.02 18.01 21.40
CA GLN A 636 -11.50 19.12 22.18
C GLN A 636 -10.77 20.09 21.25
N PRO A 637 -10.42 21.30 21.74
CA PRO A 637 -9.67 22.26 20.95
C PRO A 637 -8.43 21.53 20.46
N THR A 638 -8.11 21.73 19.19
CA THR A 638 -6.86 21.25 18.61
C THR A 638 -5.88 22.42 18.50
N VAL A 639 -4.64 22.21 18.96
CA VAL A 639 -3.55 23.13 18.70
C VAL A 639 -2.62 22.54 17.62
N LEU A 640 -2.36 23.34 16.59
CA LEU A 640 -1.57 22.93 15.44
C LEU A 640 -0.17 23.50 15.58
N ARG A 641 0.83 22.70 15.19
CA ARG A 641 2.21 23.12 15.23
C ARG A 641 3.02 22.38 14.18
N THR A 642 3.81 23.12 13.38
N THR A 642 3.80 23.12 13.37
CA THR A 642 4.64 22.53 12.36
CA THR A 642 4.67 22.51 12.37
C THR A 642 5.87 21.88 13.01
C THR A 642 5.83 21.81 13.07
N PHE A 643 6.35 20.78 12.40
CA PHE A 643 7.62 20.16 12.75
C PHE A 643 8.19 19.53 11.49
N ARG A 644 9.51 19.32 11.46
CA ARG A 644 10.16 18.61 10.38
C ARG A 644 10.64 17.25 10.91
N SER A 645 10.43 16.20 10.11
CA SER A 645 11.18 14.97 10.29
C SER A 645 11.51 14.39 8.91
N LEU A 646 12.72 13.82 8.80
CA LEU A 646 13.17 13.18 7.57
C LEU A 646 12.96 14.15 6.40
N SER A 647 13.38 15.41 6.62
CA SER A 647 13.45 16.41 5.57
C SER A 647 12.06 16.78 5.02
N THR A 648 11.00 16.62 5.82
CA THR A 648 9.64 16.94 5.38
C THR A 648 8.91 17.73 6.47
N THR A 649 8.12 18.73 6.05
CA THR A 649 7.36 19.53 7.00
C THR A 649 5.97 18.92 7.18
N ASN A 650 5.55 18.75 8.45
CA ASN A 650 4.27 18.19 8.79
C ASN A 650 3.64 19.02 9.91
N VAL A 651 2.36 18.75 10.20
CA VAL A 651 1.70 19.47 11.26
C VAL A 651 1.28 18.48 12.33
N PHE A 652 1.65 18.79 13.58
CA PHE A 652 1.21 18.03 14.73
C PHE A 652 -0.03 18.70 15.30
N ALA A 653 -1.08 17.89 15.50
CA ALA A 653 -2.35 18.38 16.01
C ALA A 653 -2.56 17.83 17.41
N CYS A 654 -2.44 18.69 18.43
CA CYS A 654 -2.70 18.29 19.81
C CYS A 654 -4.19 18.37 20.10
N SER A 655 -4.76 17.25 20.46
CA SER A 655 -6.06 17.24 21.09
C SER A 655 -6.13 16.03 22.02
N ASP A 656 -7.35 15.70 22.45
CA ASP A 656 -7.61 14.42 23.12
C ASP A 656 -7.08 13.27 22.28
N ARG A 657 -7.06 13.45 20.95
CA ARG A 657 -6.56 12.43 20.02
C ARG A 657 -5.46 13.03 19.14
N PRO A 658 -4.18 13.03 19.59
CA PRO A 658 -3.10 13.62 18.82
C PRO A 658 -2.97 12.96 17.44
N THR A 659 -2.72 13.80 16.44
CA THR A 659 -2.66 13.39 15.04
C THR A 659 -1.50 14.11 14.38
N VAL A 660 -0.92 13.48 13.36
CA VAL A 660 -0.08 14.21 12.43
C VAL A 660 -0.85 14.43 11.14
N ILE A 661 -0.82 15.68 10.67
CA ILE A 661 -1.31 16.06 9.37
C ILE A 661 -0.13 16.11 8.42
N TYR A 662 -0.28 15.44 7.27
CA TYR A 662 0.76 15.38 6.25
C TYR A 662 0.11 15.19 4.89
N SER A 663 0.95 15.07 3.85
CA SER A 663 0.49 14.99 2.48
C SER A 663 0.98 13.71 1.82
N SER A 664 0.10 13.14 0.98
CA SER A 664 0.38 11.97 0.19
C SER A 664 -0.39 12.07 -1.12
N ASN A 665 0.33 12.05 -2.26
CA ASN A 665 -0.29 12.22 -3.58
C ASN A 665 -1.08 13.52 -3.62
N HIS A 666 -0.50 14.58 -3.03
CA HIS A 666 -1.07 15.92 -3.11
C HIS A 666 -2.50 15.94 -2.54
N LYS A 667 -2.78 15.11 -1.53
CA LYS A 667 -3.97 15.28 -0.69
C LYS A 667 -3.55 15.21 0.77
N LEU A 668 -4.21 15.99 1.63
CA LEU A 668 -3.93 15.93 3.06
C LEU A 668 -4.41 14.60 3.62
N VAL A 669 -3.59 14.05 4.52
CA VAL A 669 -3.84 12.80 5.21
C VAL A 669 -3.62 13.01 6.70
N PHE A 670 -4.31 12.20 7.50
CA PHE A 670 -4.36 12.32 8.95
C PHE A 670 -4.04 10.98 9.57
N SER A 671 -3.04 10.93 10.45
CA SER A 671 -2.68 9.67 11.06
C SER A 671 -2.59 9.84 12.58
N ASN A 672 -3.20 8.90 13.30
CA ASN A 672 -3.18 8.90 14.76
C ASN A 672 -1.76 8.74 15.26
N VAL A 673 -1.42 9.55 16.27
CA VAL A 673 -0.25 9.34 17.10
C VAL A 673 -0.66 8.47 18.29
N ASN A 674 0.16 7.44 18.58
CA ASN A 674 -0.18 6.45 19.59
C ASN A 674 0.29 6.95 20.95
N LEU A 675 -0.48 7.91 21.50
CA LEU A 675 -0.20 8.54 22.78
C LEU A 675 -1.55 8.89 23.38
N LYS A 676 -1.58 8.96 24.71
CA LYS A 676 -2.66 9.60 25.45
C LYS A 676 -2.65 11.09 25.11
N GLU A 677 -3.57 11.83 25.70
CA GLU A 677 -3.82 13.21 25.29
C GLU A 677 -2.53 14.02 25.38
N VAL A 678 -2.25 14.78 24.31
CA VAL A 678 -1.20 15.78 24.29
C VAL A 678 -1.85 17.16 24.25
N ASN A 679 -1.36 18.08 25.08
CA ASN A 679 -1.90 19.43 25.13
C ASN A 679 -1.08 20.36 24.24
N TYR A 680 0.26 20.25 24.32
CA TYR A 680 1.15 21.13 23.57
C TYR A 680 2.38 20.35 23.12
N MET A 681 3.02 20.82 22.04
CA MET A 681 4.26 20.25 21.58
C MET A 681 5.07 21.28 20.84
N CYS A 682 6.35 20.99 20.66
CA CYS A 682 7.18 21.70 19.71
C CYS A 682 8.28 20.76 19.25
N PRO A 683 8.81 20.95 18.02
CA PRO A 683 10.03 20.29 17.60
C PRO A 683 11.19 20.74 18.51
N LEU A 684 12.19 19.87 18.67
CA LEU A 684 13.34 20.18 19.48
C LEU A 684 14.52 19.41 18.92
N ASN A 685 15.56 20.16 18.52
CA ASN A 685 16.72 19.59 17.88
C ASN A 685 17.98 20.07 18.62
N SER A 686 18.25 19.45 19.77
CA SER A 686 19.37 19.81 20.62
C SER A 686 20.47 18.76 20.48
N ASP A 687 21.65 19.05 21.04
CA ASP A 687 22.78 18.13 20.98
C ASP A 687 22.36 16.78 21.56
N GLY A 688 21.70 16.79 22.71
CA GLY A 688 21.36 15.58 23.44
C GLY A 688 20.01 14.98 22.98
N TYR A 689 19.20 15.78 22.28
CA TYR A 689 17.93 15.32 21.75
C TYR A 689 17.79 15.78 20.30
N PRO A 690 18.59 15.21 19.37
CA PRO A 690 18.51 15.58 17.96
C PRO A 690 17.16 15.20 17.36
N ASP A 691 16.65 16.05 16.46
CA ASP A 691 15.51 15.73 15.63
C ASP A 691 14.39 15.11 16.47
N SER A 692 13.96 15.83 17.51
CA SER A 692 13.05 15.28 18.51
C SER A 692 11.79 16.14 18.61
N LEU A 693 10.88 15.74 19.51
CA LEU A 693 9.65 16.46 19.83
C LEU A 693 9.60 16.65 21.33
N ALA A 694 9.16 17.82 21.78
CA ALA A 694 8.80 18.01 23.17
C ALA A 694 7.28 18.00 23.28
N LEU A 695 6.75 17.19 24.21
CA LEU A 695 5.32 16.98 24.36
C LEU A 695 4.94 17.31 25.79
N ALA A 696 3.76 17.90 25.99
CA ALA A 696 3.26 18.17 27.31
C ALA A 696 1.82 17.75 27.42
N ASN A 697 1.46 17.12 28.54
CA ASN A 697 0.07 17.01 28.97
C ASN A 697 -0.10 17.82 30.25
N ASN A 698 -1.14 17.48 31.02
CA ASN A 698 -1.51 18.23 32.20
C ASN A 698 -0.44 18.10 33.28
N SER A 699 0.31 16.98 33.26
CA SER A 699 1.15 16.61 34.37
C SER A 699 2.63 16.53 33.97
N THR A 700 2.93 16.25 32.69
CA THR A 700 4.25 15.76 32.29
C THR A 700 4.80 16.52 31.07
N LEU A 701 6.13 16.66 31.05
CA LEU A 701 6.87 17.08 29.88
C LEU A 701 7.73 15.91 29.40
N THR A 702 7.52 15.51 28.14
CA THR A 702 8.21 14.40 27.53
C THR A 702 9.07 14.92 26.38
N ILE A 703 10.19 14.23 26.11
CA ILE A 703 10.96 14.45 24.90
C ILE A 703 11.23 13.10 24.24
N GLY A 704 11.01 13.01 22.93
CA GLY A 704 11.24 11.75 22.21
C GLY A 704 11.36 11.98 20.72
N THR A 705 11.54 10.87 19.98
CA THR A 705 11.56 10.89 18.53
C THR A 705 10.29 10.23 18.01
N ILE A 706 9.95 10.56 16.78
CA ILE A 706 8.73 10.06 16.18
C ILE A 706 9.11 9.11 15.05
N ASP A 707 8.26 8.09 14.86
CA ASP A 707 8.42 7.14 13.79
C ASP A 707 8.08 7.79 12.45
N GLU A 708 8.28 7.01 11.39
CA GLU A 708 7.89 7.43 10.06
C GLU A 708 6.42 7.84 10.06
N ILE A 709 6.14 8.92 9.32
CA ILE A 709 4.80 9.46 9.24
C ILE A 709 4.04 8.70 8.15
N GLN A 710 3.10 7.86 8.58
CA GLN A 710 2.40 6.93 7.70
C GLN A 710 1.23 6.36 8.50
N LYS A 711 0.21 5.86 7.79
CA LYS A 711 -0.99 5.33 8.42
C LYS A 711 -0.65 4.06 9.20
N LEU A 712 0.23 3.21 8.63
CA LEU A 712 0.49 1.88 9.18
C LEU A 712 1.98 1.73 9.42
N HIS A 713 2.32 1.21 10.60
CA HIS A 713 3.68 0.85 10.90
C HIS A 713 3.89 -0.65 10.64
N ILE A 714 5.01 -0.98 9.95
CA ILE A 714 5.33 -2.34 9.53
C ILE A 714 6.70 -2.72 10.08
N ARG A 715 6.75 -3.81 10.84
CA ARG A 715 7.99 -4.44 11.21
C ARG A 715 8.17 -5.66 10.33
N THR A 716 9.37 -5.83 9.76
CA THR A 716 9.68 -6.97 8.93
C THR A 716 10.58 -7.95 9.69
N VAL A 717 10.23 -9.23 9.60
CA VAL A 717 11.05 -10.32 10.13
C VAL A 717 11.43 -11.22 8.96
N PRO A 718 12.65 -11.06 8.38
CA PRO A 718 13.12 -11.91 7.29
C PRO A 718 13.25 -13.37 7.74
N LEU A 719 12.74 -14.29 6.93
CA LEU A 719 12.88 -15.72 7.18
C LEU A 719 13.85 -16.37 6.18
N TYR A 720 13.97 -15.78 4.99
CA TYR A 720 14.85 -16.29 3.94
C TYR A 720 14.32 -17.61 3.39
N GLU A 721 13.03 -17.92 3.67
CA GLU A 721 12.35 -19.06 3.11
C GLU A 721 10.85 -18.73 3.12
N SER A 722 10.04 -19.63 2.55
CA SER A 722 8.64 -19.39 2.28
C SER A 722 7.80 -19.71 3.52
N PRO A 723 7.21 -18.71 4.21
CA PRO A 723 6.21 -19.00 5.26
C PRO A 723 4.88 -19.40 4.62
N ARG A 724 4.13 -20.28 5.29
CA ARG A 724 2.94 -20.86 4.69
C ARG A 724 1.72 -20.64 5.57
N LYS A 725 1.87 -20.80 6.88
CA LYS A 725 0.77 -20.64 7.82
C LYS A 725 1.31 -20.11 9.14
N ILE A 726 0.40 -19.51 9.94
CA ILE A 726 0.78 -18.93 11.21
C ILE A 726 -0.36 -19.13 12.20
N CYS A 727 -0.01 -19.38 13.48
N CYS A 727 -0.01 -19.41 13.46
CA CYS A 727 -0.97 -19.35 14.57
CA CYS A 727 -0.94 -19.36 14.58
C CYS A 727 -0.28 -18.84 15.81
C CYS A 727 -0.24 -18.72 15.77
N TYR A 728 -1.05 -18.21 16.70
CA TYR A 728 -0.53 -17.65 17.94
C TYR A 728 -0.82 -18.60 19.09
N GLN A 729 0.17 -18.78 19.97
CA GLN A 729 -0.02 -19.57 21.19
C GLN A 729 0.30 -18.71 22.42
N GLU A 730 -0.78 -18.13 22.98
CA GLU A 730 -0.67 -17.17 24.07
C GLU A 730 0.10 -17.77 25.25
N VAL A 731 -0.19 -19.01 25.61
CA VAL A 731 0.39 -19.59 26.83
C VAL A 731 1.91 -19.71 26.68
N SER A 732 2.44 -19.74 25.45
CA SER A 732 3.86 -19.90 25.20
C SER A 732 4.52 -18.57 24.83
N GLN A 733 3.69 -17.55 24.57
CA GLN A 733 4.16 -16.22 24.15
C GLN A 733 4.95 -16.35 22.85
N CYS A 734 4.44 -17.15 21.92
N CYS A 734 4.46 -17.20 21.95
CA CYS A 734 5.14 -17.34 20.66
CA CYS A 734 5.15 -17.54 20.70
C CYS A 734 4.15 -17.63 19.55
C CYS A 734 4.15 -17.67 19.57
N PHE A 735 4.65 -17.55 18.33
CA PHE A 735 3.92 -17.96 17.15
C PHE A 735 4.44 -19.32 16.71
N GLY A 736 3.54 -20.13 16.13
CA GLY A 736 3.96 -21.21 15.24
C GLY A 736 3.82 -20.78 13.78
N VAL A 737 4.84 -21.08 12.98
CA VAL A 737 4.83 -20.76 11.57
C VAL A 737 5.25 -22.00 10.78
N LEU A 738 4.41 -22.44 9.86
CA LEU A 738 4.82 -23.42 8.87
C LEU A 738 5.62 -22.73 7.78
N SER A 739 6.76 -23.33 7.39
CA SER A 739 7.62 -22.77 6.36
C SER A 739 8.18 -23.88 5.50
N SER A 740 8.54 -23.54 4.27
CA SER A 740 9.25 -24.48 3.42
C SER A 740 10.44 -23.78 2.81
N ARG A 741 11.51 -24.56 2.63
CA ARG A 741 12.70 -24.08 1.96
C ARG A 741 13.03 -25.05 0.81
N ILE A 742 13.63 -24.52 -0.24
CA ILE A 742 13.99 -25.30 -1.40
C ILE A 742 15.40 -25.85 -1.16
N GLU A 743 15.59 -27.16 -1.38
CA GLU A 743 16.92 -27.75 -1.47
C GLU A 743 17.07 -28.48 -2.80
N VAL A 744 18.33 -28.70 -3.22
CA VAL A 744 18.59 -29.25 -4.55
C VAL A 744 19.09 -30.69 -4.41
N GLN A 745 18.57 -31.57 -5.27
CA GLN A 745 18.88 -33.00 -5.25
C GLN A 745 19.82 -33.31 -6.42
N GLY A 750 21.78 -37.01 -0.75
CA GLY A 750 21.13 -35.95 0.06
C GLY A 750 20.71 -34.76 -0.80
N THR A 751 19.95 -33.85 -0.19
CA THR A 751 19.62 -32.58 -0.82
C THR A 751 20.40 -31.47 -0.11
N THR A 752 20.70 -30.39 -0.85
CA THR A 752 21.51 -29.28 -0.33
C THR A 752 20.71 -27.97 -0.36
N ALA A 753 20.83 -27.22 0.74
CA ALA A 753 20.18 -25.93 0.90
C ALA A 753 20.87 -24.89 0.02
N LEU A 754 20.11 -23.86 -0.38
CA LEU A 754 20.61 -22.82 -1.28
C LEU A 754 21.27 -21.71 -0.46
N ARG A 755 20.89 -21.61 0.81
CA ARG A 755 21.30 -20.53 1.69
C ARG A 755 20.82 -20.88 3.10
N PRO A 756 21.37 -20.27 4.16
CA PRO A 756 20.77 -20.39 5.48
C PRO A 756 19.44 -19.64 5.55
N SER A 757 18.51 -20.15 6.37
CA SER A 757 17.20 -19.54 6.55
C SER A 757 16.65 -19.93 7.92
N ALA A 758 15.43 -19.42 8.26
CA ALA A 758 14.88 -19.54 9.59
C ALA A 758 14.97 -20.98 10.09
N SER A 759 14.61 -21.95 9.23
CA SER A 759 14.47 -23.35 9.62
C SER A 759 15.83 -24.03 9.85
N THR A 760 16.93 -23.43 9.36
CA THR A 760 18.25 -24.00 9.57
C THR A 760 19.03 -23.16 10.57
N GLN A 761 18.39 -22.16 11.19
CA GLN A 761 19.09 -21.23 12.06
C GLN A 761 18.33 -21.03 13.36
N ALA A 762 17.56 -22.05 13.75
CA ALA A 762 16.82 -22.00 14.99
C ALA A 762 17.78 -22.24 16.18
N LEU A 763 17.41 -21.73 17.36
CA LEU A 763 18.20 -21.98 18.57
C LEU A 763 18.38 -23.49 18.78
N SER A 764 17.28 -24.22 18.73
CA SER A 764 17.34 -25.67 18.77
C SER A 764 16.47 -26.25 17.66
N SER A 765 16.68 -27.54 17.36
CA SER A 765 15.97 -28.15 16.25
C SER A 765 15.63 -29.61 16.53
N SER A 766 14.59 -30.08 15.85
CA SER A 766 14.13 -31.47 15.90
C SER A 766 13.73 -31.91 14.50
N VAL A 767 13.64 -33.23 14.28
CA VAL A 767 13.27 -33.80 13.01
C VAL A 767 12.24 -34.89 13.25
N SER A 768 11.38 -35.14 12.26
CA SER A 768 10.52 -36.32 12.30
C SER A 768 11.34 -37.54 11.89
N SER A 769 11.08 -38.68 12.54
CA SER A 769 11.74 -39.93 12.17
C SER A 769 10.76 -40.86 11.43
N SER A 770 11.27 -41.61 10.45
CA SER A 770 10.49 -42.61 9.72
C SER A 770 10.90 -44.02 10.14
N GLU A 786 15.70 -25.65 -7.68
CA GLU A 786 14.30 -25.64 -7.17
C GLU A 786 13.77 -27.08 -7.05
N GLU A 787 14.60 -27.99 -6.50
CA GLU A 787 14.40 -29.42 -6.69
C GLU A 787 13.39 -29.98 -5.68
N VAL A 788 13.59 -29.73 -4.37
CA VAL A 788 12.74 -30.34 -3.35
C VAL A 788 12.33 -29.31 -2.27
N GLU A 789 11.07 -29.40 -1.81
CA GLU A 789 10.57 -28.59 -0.71
C GLU A 789 10.79 -29.36 0.60
N VAL A 790 11.42 -28.69 1.57
CA VAL A 790 11.56 -29.24 2.88
C VAL A 790 10.77 -28.38 3.88
N HIS A 791 9.86 -29.03 4.61
CA HIS A 791 8.88 -28.32 5.41
C HIS A 791 9.22 -28.38 6.90
N ASN A 792 8.83 -27.30 7.61
CA ASN A 792 9.21 -27.08 8.98
C ASN A 792 8.06 -26.39 9.72
N LEU A 793 7.97 -26.67 11.02
CA LEU A 793 7.26 -25.86 11.97
C LEU A 793 8.28 -25.03 12.73
N LEU A 794 8.16 -23.70 12.62
CA LEU A 794 9.00 -22.76 13.34
C LEU A 794 8.28 -22.30 14.60
N ILE A 795 9.02 -22.20 15.71
CA ILE A 795 8.49 -21.56 16.91
C ILE A 795 9.22 -20.24 17.09
N ILE A 796 8.46 -19.13 17.15
CA ILE A 796 9.01 -17.78 17.02
C ILE A 796 8.53 -16.94 18.21
N ASP A 797 9.48 -16.29 18.85
CA ASP A 797 9.20 -15.51 20.05
C ASP A 797 8.35 -14.28 19.68
N GLN A 798 7.31 -13.99 20.48
CA GLN A 798 6.35 -12.96 20.08
C GLN A 798 6.91 -11.56 20.25
N HIS A 799 8.02 -11.42 21.01
CA HIS A 799 8.64 -10.11 21.30
C HIS A 799 9.88 -9.88 20.44
N THR A 800 10.76 -10.88 20.32
CA THR A 800 12.01 -10.67 19.59
C THR A 800 11.90 -11.16 18.15
N PHE A 801 10.91 -12.02 17.87
CA PHE A 801 10.77 -12.73 16.60
C PHE A 801 12.00 -13.57 16.30
N GLU A 802 12.72 -13.97 17.36
CA GLU A 802 13.82 -14.92 17.21
C GLU A 802 13.23 -16.32 16.93
N VAL A 803 13.92 -17.10 16.09
CA VAL A 803 13.52 -18.48 15.83
C VAL A 803 14.04 -19.36 16.96
N LEU A 804 13.15 -19.74 17.86
CA LEU A 804 13.50 -20.47 19.07
C LEU A 804 13.72 -21.94 18.75
N HIS A 805 12.89 -22.49 17.85
CA HIS A 805 12.92 -23.91 17.52
C HIS A 805 12.39 -24.14 16.11
N ALA A 806 12.94 -25.14 15.44
CA ALA A 806 12.45 -25.59 14.15
C ALA A 806 12.32 -27.12 14.17
N HIS A 807 11.13 -27.62 13.84
CA HIS A 807 10.90 -29.05 13.66
C HIS A 807 10.75 -29.34 12.16
N GLN A 808 11.59 -30.23 11.63
CA GLN A 808 11.55 -30.61 10.23
C GLN A 808 10.69 -31.86 10.04
N PHE A 809 9.83 -31.83 9.02
CA PHE A 809 8.96 -32.95 8.72
C PHE A 809 9.71 -33.98 7.87
N LEU A 810 9.00 -35.04 7.48
CA LEU A 810 9.60 -36.13 6.71
C LEU A 810 9.90 -35.66 5.29
N GLN A 811 10.79 -36.42 4.64
CA GLN A 811 11.06 -36.22 3.23
C GLN A 811 9.75 -36.34 2.46
N ASN A 812 9.53 -35.39 1.54
CA ASN A 812 8.33 -35.33 0.70
C ASN A 812 7.06 -35.09 1.53
N GLU A 813 7.19 -34.72 2.81
CA GLU A 813 6.01 -34.36 3.59
C GLU A 813 5.83 -32.85 3.54
N TYR A 814 4.63 -32.42 3.09
CA TYR A 814 4.26 -31.00 2.99
C TYR A 814 3.27 -30.64 4.11
N ALA A 815 3.61 -29.61 4.89
CA ALA A 815 2.77 -29.15 5.99
C ALA A 815 1.76 -28.14 5.45
N LEU A 816 0.46 -28.44 5.62
CA LEU A 816 -0.60 -27.71 4.95
C LEU A 816 -1.44 -26.91 5.94
N SER A 817 -1.57 -27.40 7.19
CA SER A 817 -2.51 -26.80 8.12
C SER A 817 -1.93 -26.77 9.53
N LEU A 818 -2.34 -25.76 10.29
CA LEU A 818 -1.76 -25.49 11.59
C LEU A 818 -2.82 -24.90 12.51
N VAL A 819 -2.84 -25.36 13.77
N VAL A 819 -2.84 -25.37 13.77
CA VAL A 819 -3.69 -24.76 14.78
CA VAL A 819 -3.69 -24.76 14.78
C VAL A 819 -2.98 -24.85 16.13
C VAL A 819 -2.98 -24.85 16.13
N SER A 820 -3.24 -23.86 17.00
CA SER A 820 -2.86 -23.92 18.40
C SER A 820 -4.13 -23.97 19.26
N CYS A 821 -4.29 -25.04 20.05
CA CYS A 821 -5.50 -25.22 20.85
C CYS A 821 -5.27 -26.22 21.97
N LYS A 822 -6.21 -26.22 22.92
CA LYS A 822 -6.41 -27.31 23.85
C LYS A 822 -7.53 -28.22 23.34
N LEU A 823 -7.50 -29.48 23.80
CA LEU A 823 -8.49 -30.48 23.42
C LEU A 823 -8.99 -31.23 24.67
N GLY A 824 -10.24 -31.65 24.60
CA GLY A 824 -10.81 -32.56 25.58
C GLY A 824 -10.66 -32.01 26.99
N LYS A 825 -10.28 -32.88 27.93
CA LYS A 825 -10.07 -32.48 29.31
C LYS A 825 -8.58 -32.31 29.59
N ASP A 826 -7.77 -32.21 28.52
CA ASP A 826 -6.32 -32.05 28.66
C ASP A 826 -6.02 -30.56 28.78
N PRO A 827 -5.31 -30.11 29.86
CA PRO A 827 -5.06 -28.68 30.06
C PRO A 827 -3.92 -28.07 29.23
N ASN A 828 -3.13 -28.91 28.57
CA ASN A 828 -2.05 -28.44 27.74
C ASN A 828 -2.62 -27.73 26.50
N THR A 829 -1.87 -26.75 25.99
CA THR A 829 -2.08 -26.19 24.66
C THR A 829 -1.04 -26.75 23.69
N TYR A 830 -1.52 -27.29 22.56
CA TYR A 830 -0.68 -27.94 21.57
C TYR A 830 -0.62 -27.14 20.27
N PHE A 831 0.50 -27.29 19.55
CA PHE A 831 0.55 -27.00 18.13
C PHE A 831 0.22 -28.28 17.38
N ILE A 832 -0.77 -28.19 16.51
CA ILE A 832 -1.19 -29.34 15.72
C ILE A 832 -0.99 -29.03 14.24
N VAL A 833 -0.35 -29.97 13.51
CA VAL A 833 0.00 -29.76 12.12
C VAL A 833 -0.62 -30.89 11.29
N GLY A 834 -1.20 -30.51 10.16
CA GLY A 834 -1.74 -31.45 9.18
C GLY A 834 -0.87 -31.45 7.93
N THR A 835 -0.55 -32.64 7.43
CA THR A 835 0.41 -32.78 6.34
C THR A 835 -0.19 -33.55 5.18
N ALA A 836 0.59 -33.58 4.08
CA ALA A 836 0.39 -34.44 2.94
C ALA A 836 1.73 -35.04 2.51
N MET A 837 1.73 -36.35 2.17
CA MET A 837 2.88 -36.96 1.51
C MET A 837 2.71 -36.79 0.02
N VAL A 838 3.66 -36.12 -0.62
CA VAL A 838 3.54 -35.68 -2.00
C VAL A 838 4.45 -36.54 -2.88
N TYR A 839 3.85 -37.24 -3.85
CA TYR A 839 4.59 -38.08 -4.79
C TYR A 839 4.24 -37.64 -6.23
N PRO A 840 5.21 -37.72 -7.17
CA PRO A 840 5.07 -37.09 -8.48
C PRO A 840 3.85 -37.45 -9.31
N GLU A 841 3.49 -38.73 -9.33
CA GLU A 841 2.53 -39.24 -10.29
C GLU A 841 1.14 -39.37 -9.63
N GLU A 842 0.99 -38.82 -8.41
CA GLU A 842 -0.30 -38.85 -7.73
C GLU A 842 -1.11 -37.61 -8.13
N ALA A 843 -2.32 -37.86 -8.64
CA ALA A 843 -3.26 -36.78 -8.98
C ALA A 843 -3.49 -35.90 -7.76
N GLU A 844 -3.78 -36.54 -6.62
CA GLU A 844 -3.78 -35.87 -5.34
C GLU A 844 -3.09 -36.80 -4.33
N PRO A 845 -2.75 -36.28 -3.13
CA PRO A 845 -2.14 -37.13 -2.11
C PRO A 845 -3.09 -38.22 -1.58
N LYS A 846 -2.50 -39.37 -1.24
CA LYS A 846 -3.25 -40.50 -0.72
C LYS A 846 -2.80 -40.79 0.71
N GLN A 847 -1.98 -39.92 1.26
CA GLN A 847 -1.41 -40.16 2.57
C GLN A 847 -0.96 -38.85 3.18
N GLY A 848 -1.08 -38.75 4.51
CA GLY A 848 -0.69 -37.58 5.27
C GLY A 848 -0.74 -37.87 6.77
N ARG A 849 -0.38 -36.87 7.59
CA ARG A 849 -0.41 -37.02 9.05
C ARG A 849 -1.12 -35.83 9.70
N ILE A 850 -1.72 -36.10 10.85
CA ILE A 850 -1.94 -35.10 11.88
C ILE A 850 -0.94 -35.35 13.02
N VAL A 851 -0.21 -34.29 13.40
CA VAL A 851 0.82 -34.39 14.41
C VAL A 851 0.55 -33.35 15.48
N VAL A 852 0.45 -33.82 16.72
CA VAL A 852 0.23 -32.98 17.88
C VAL A 852 1.56 -32.80 18.58
N PHE A 853 1.96 -31.53 18.69
CA PHE A 853 3.22 -31.13 19.28
C PHE A 853 2.95 -30.36 20.57
N GLN A 854 3.85 -30.48 21.53
CA GLN A 854 3.81 -29.67 22.72
C GLN A 854 5.11 -28.88 22.74
N TYR A 855 4.98 -27.58 22.96
CA TYR A 855 6.15 -26.73 23.08
C TYR A 855 6.45 -26.53 24.56
N SER A 856 7.63 -27.04 24.96
CA SER A 856 8.06 -27.11 26.36
C SER A 856 9.59 -27.09 26.40
N ASP A 857 10.15 -26.26 27.28
CA ASP A 857 11.58 -26.26 27.54
C ASP A 857 12.37 -26.03 26.24
N GLY A 858 11.89 -25.11 25.41
CA GLY A 858 12.65 -24.65 24.27
C GLY A 858 12.56 -25.58 23.06
N LYS A 859 11.72 -26.61 23.13
CA LYS A 859 11.69 -27.60 22.07
C LYS A 859 10.27 -28.13 21.88
N LEU A 860 10.00 -28.62 20.67
CA LEU A 860 8.76 -29.31 20.36
C LEU A 860 8.94 -30.80 20.61
N GLN A 861 8.07 -31.38 21.43
CA GLN A 861 7.98 -32.83 21.53
C GLN A 861 6.72 -33.29 20.80
N THR A 862 6.83 -34.44 20.11
CA THR A 862 5.68 -35.08 19.49
C THR A 862 4.90 -35.83 20.56
N VAL A 863 3.65 -35.41 20.74
CA VAL A 863 2.79 -36.00 21.75
C VAL A 863 2.00 -37.13 21.11
N ALA A 864 1.60 -36.95 19.86
CA ALA A 864 0.84 -37.97 19.16
C ALA A 864 0.81 -37.70 17.66
N GLU A 865 0.51 -38.75 16.91
CA GLU A 865 0.35 -38.66 15.47
C GLU A 865 -0.87 -39.48 15.09
N LYS A 866 -1.42 -39.17 13.92
CA LYS A 866 -2.39 -40.03 13.28
C LYS A 866 -2.12 -40.00 11.78
N GLU A 867 -1.88 -41.18 11.21
CA GLU A 867 -1.77 -41.32 9.76
C GLU A 867 -3.16 -41.32 9.16
N VAL A 868 -3.35 -40.54 8.10
CA VAL A 868 -4.61 -40.52 7.37
C VAL A 868 -4.32 -40.79 5.90
N LYS A 869 -5.37 -41.05 5.14
CA LYS A 869 -5.19 -41.43 3.74
C LYS A 869 -5.51 -40.25 2.85
N GLY A 870 -4.84 -39.12 3.11
CA GLY A 870 -4.97 -37.98 2.22
C GLY A 870 -4.32 -36.74 2.80
N ALA A 871 -4.47 -35.63 2.06
CA ALA A 871 -3.91 -34.34 2.47
C ALA A 871 -4.80 -33.70 3.51
N VAL A 872 -4.19 -33.24 4.63
CA VAL A 872 -4.92 -32.55 5.67
C VAL A 872 -4.89 -31.03 5.38
N TYR A 873 -5.85 -30.59 4.57
CA TYR A 873 -5.86 -29.26 4.02
C TYR A 873 -6.15 -28.20 5.08
N SER A 874 -7.01 -28.51 6.06
CA SER A 874 -7.55 -27.50 6.95
C SER A 874 -7.92 -28.13 8.28
N MET A 875 -7.60 -27.43 9.38
CA MET A 875 -8.03 -27.87 10.70
C MET A 875 -8.53 -26.68 11.51
N VAL A 876 -9.49 -26.94 12.41
CA VAL A 876 -10.02 -25.92 13.30
C VAL A 876 -10.36 -26.59 14.63
N GLU A 877 -10.08 -25.92 15.75
CA GLU A 877 -10.61 -26.32 17.05
C GLU A 877 -12.13 -26.15 17.05
N PHE A 878 -12.84 -27.18 17.50
CA PHE A 878 -14.30 -27.20 17.49
C PHE A 878 -14.81 -27.78 18.81
N ASN A 879 -15.20 -26.91 19.74
CA ASN A 879 -15.86 -27.32 20.98
C ASN A 879 -15.02 -28.37 21.72
N GLY A 880 -13.71 -28.12 21.82
CA GLY A 880 -12.81 -29.04 22.52
C GLY A 880 -12.39 -30.25 21.68
N LYS A 881 -12.82 -30.30 20.40
CA LYS A 881 -12.47 -31.38 19.49
C LYS A 881 -11.67 -30.80 18.32
N LEU A 882 -11.15 -31.69 17.46
CA LEU A 882 -10.35 -31.26 16.32
C LEU A 882 -11.09 -31.62 15.03
N LEU A 883 -11.47 -30.58 14.27
CA LEU A 883 -12.10 -30.72 12.98
C LEU A 883 -11.02 -30.62 11.91
N ALA A 884 -11.01 -31.56 10.97
CA ALA A 884 -9.99 -31.57 9.93
C ALA A 884 -10.60 -31.98 8.61
N SER A 885 -10.11 -31.37 7.53
CA SER A 885 -10.53 -31.73 6.19
C SER A 885 -9.40 -32.51 5.51
N ILE A 886 -9.77 -33.69 4.99
CA ILE A 886 -8.81 -34.66 4.44
C ILE A 886 -9.37 -35.10 3.09
N ASN A 887 -8.71 -34.65 2.02
CA ASN A 887 -9.19 -34.85 0.67
C ASN A 887 -10.65 -34.43 0.57
N SER A 888 -11.55 -35.38 0.33
CA SER A 888 -12.94 -35.07 0.07
C SER A 888 -13.80 -35.30 1.32
N THR A 889 -13.14 -35.37 2.48
N THR A 889 -13.14 -35.48 2.47
CA THR A 889 -13.81 -35.74 3.71
CA THR A 889 -13.84 -35.75 3.72
C THR A 889 -13.59 -34.67 4.77
C THR A 889 -13.66 -34.58 4.69
N VAL A 890 -14.60 -34.43 5.60
CA VAL A 890 -14.47 -33.58 6.77
C VAL A 890 -14.69 -34.47 8.00
N ARG A 891 -13.76 -34.41 8.96
CA ARG A 891 -13.72 -35.36 10.06
C ARG A 891 -13.58 -34.64 11.38
N LEU A 892 -14.29 -35.11 12.39
CA LEU A 892 -14.16 -34.59 13.73
C LEU A 892 -13.47 -35.62 14.61
N TYR A 893 -12.41 -35.20 15.31
CA TYR A 893 -11.65 -36.06 16.21
C TYR A 893 -11.86 -35.61 17.65
N GLU A 894 -11.97 -36.60 18.54
CA GLU A 894 -11.86 -36.39 19.98
C GLU A 894 -10.45 -36.71 20.48
N TRP A 895 -10.03 -35.97 21.51
CA TRP A 895 -8.77 -36.19 22.19
C TRP A 895 -9.04 -37.10 23.39
N THR A 896 -8.53 -38.34 23.34
CA THR A 896 -8.84 -39.36 24.35
C THR A 896 -7.97 -39.12 25.58
N THR A 897 -8.26 -39.86 26.65
CA THR A 897 -7.50 -39.76 27.88
C THR A 897 -6.08 -40.31 27.65
N GLU A 898 -5.93 -41.18 26.65
CA GLU A 898 -4.62 -41.74 26.29
C GLU A 898 -3.88 -40.80 25.31
N LYS A 899 -4.35 -39.53 25.19
CA LYS A 899 -3.69 -38.53 24.34
C LYS A 899 -3.51 -39.07 22.91
N GLU A 900 -4.61 -39.54 22.34
CA GLU A 900 -4.68 -39.89 20.94
C GLU A 900 -5.92 -39.23 20.34
N LEU A 901 -5.89 -38.99 19.03
CA LEU A 901 -7.06 -38.53 18.31
C LEU A 901 -7.88 -39.75 17.87
N ARG A 902 -9.19 -39.65 18.02
CA ARG A 902 -10.09 -40.74 17.68
C ARG A 902 -11.30 -40.16 16.95
N THR A 903 -11.56 -40.67 15.73
CA THR A 903 -12.66 -40.21 14.90
C THR A 903 -13.99 -40.33 15.65
N GLU A 904 -14.81 -39.25 15.60
CA GLU A 904 -16.17 -39.27 16.10
C GLU A 904 -17.13 -39.43 14.93
N CYS A 905 -16.97 -38.59 13.89
CA CYS A 905 -17.88 -38.63 12.75
C CYS A 905 -17.21 -38.05 11.50
N ASN A 906 -17.82 -38.32 10.33
CA ASN A 906 -17.25 -38.00 9.04
C ASN A 906 -18.31 -37.44 8.13
N HIS A 907 -17.91 -36.57 7.21
CA HIS A 907 -18.78 -36.10 6.13
C HIS A 907 -18.03 -36.36 4.83
N TYR A 908 -18.76 -36.83 3.79
CA TYR A 908 -18.12 -37.39 2.61
C TYR A 908 -18.44 -36.61 1.34
N ASN A 909 -19.46 -35.76 1.39
CA ASN A 909 -20.06 -35.19 0.19
C ASN A 909 -19.32 -33.90 -0.20
N ASN A 910 -18.05 -34.07 -0.61
CA ASN A 910 -17.19 -32.99 -1.08
C ASN A 910 -16.42 -33.50 -2.30
N ILE A 911 -15.82 -32.58 -3.06
CA ILE A 911 -14.84 -32.94 -4.06
C ILE A 911 -13.44 -32.85 -3.44
N MET A 912 -13.16 -31.70 -2.81
CA MET A 912 -11.89 -31.48 -2.14
C MET A 912 -12.12 -30.36 -1.12
N ALA A 913 -12.17 -30.74 0.15
CA ALA A 913 -12.50 -29.84 1.24
C ALA A 913 -11.24 -29.08 1.68
N LEU A 914 -11.06 -27.87 1.12
CA LEU A 914 -9.83 -27.11 1.26
C LEU A 914 -9.89 -26.18 2.46
N TYR A 915 -11.09 -25.67 2.78
CA TYR A 915 -11.20 -24.60 3.78
C TYR A 915 -12.29 -24.92 4.78
N LEU A 916 -12.00 -24.73 6.07
CA LEU A 916 -12.98 -24.82 7.14
C LEU A 916 -12.99 -23.52 7.95
N LYS A 917 -14.20 -23.09 8.36
CA LYS A 917 -14.40 -22.21 9.50
C LYS A 917 -15.58 -22.74 10.32
N THR A 918 -15.63 -22.40 11.60
CA THR A 918 -16.73 -22.84 12.47
C THR A 918 -17.24 -21.67 13.31
N LYS A 919 -18.49 -21.81 13.76
CA LYS A 919 -19.11 -20.93 14.75
C LYS A 919 -20.19 -21.75 15.48
N GLY A 920 -20.09 -21.82 16.80
CA GLY A 920 -20.94 -22.71 17.57
C GLY A 920 -20.81 -24.14 17.04
N ASP A 921 -21.94 -24.76 16.72
CA ASP A 921 -21.96 -26.11 16.18
C ASP A 921 -21.96 -26.12 14.66
N PHE A 922 -21.80 -24.94 14.02
CA PHE A 922 -21.92 -24.84 12.57
C PHE A 922 -20.53 -24.84 11.94
N ILE A 923 -20.42 -25.46 10.76
CA ILE A 923 -19.17 -25.59 10.04
C ILE A 923 -19.40 -25.12 8.61
N LEU A 924 -18.59 -24.16 8.16
CA LEU A 924 -18.57 -23.76 6.77
C LEU A 924 -17.42 -24.46 6.08
N VAL A 925 -17.71 -25.11 4.96
CA VAL A 925 -16.74 -25.88 4.21
C VAL A 925 -16.58 -25.25 2.84
N GLY A 926 -15.33 -24.97 2.47
CA GLY A 926 -15.02 -24.42 1.15
C GLY A 926 -14.42 -25.51 0.27
N ASP A 927 -15.07 -25.77 -0.87
CA ASP A 927 -14.64 -26.80 -1.79
C ASP A 927 -13.74 -26.23 -2.90
N LEU A 928 -12.91 -27.12 -3.48
CA LEU A 928 -12.11 -26.81 -4.64
C LEU A 928 -12.98 -26.21 -5.74
N MET A 929 -14.15 -26.81 -6.00
CA MET A 929 -14.90 -26.40 -7.19
C MET A 929 -16.41 -26.26 -6.99
N ARG A 930 -16.98 -26.75 -5.87
N ARG A 930 -16.92 -26.68 -5.81
CA ARG A 930 -18.42 -26.61 -5.67
CA ARG A 930 -18.37 -26.71 -5.57
C ARG A 930 -18.68 -25.70 -4.47
C ARG A 930 -18.76 -25.66 -4.53
N SER A 931 -18.06 -24.51 -4.50
CA SER A 931 -18.45 -23.40 -3.63
C SER A 931 -18.40 -23.83 -2.15
N VAL A 932 -19.46 -23.50 -1.40
CA VAL A 932 -19.45 -23.62 0.05
C VAL A 932 -20.63 -24.48 0.50
N LEU A 933 -20.52 -25.00 1.72
CA LEU A 933 -21.43 -25.97 2.29
C LEU A 933 -21.50 -25.75 3.80
N LEU A 934 -22.72 -25.85 4.36
CA LEU A 934 -22.95 -25.63 5.76
C LEU A 934 -23.29 -26.96 6.43
N LEU A 935 -22.42 -27.36 7.39
CA LEU A 935 -22.66 -28.51 8.26
C LEU A 935 -23.03 -28.02 9.65
N ALA A 936 -23.83 -28.83 10.34
CA ALA A 936 -24.02 -28.71 11.78
C ALA A 936 -23.57 -30.03 12.43
N TYR A 937 -22.80 -29.92 13.50
CA TYR A 937 -22.58 -31.04 14.39
C TYR A 937 -23.84 -31.20 15.24
N LYS A 938 -24.31 -32.44 15.40
CA LYS A 938 -25.58 -32.69 16.08
C LYS A 938 -25.26 -33.39 17.40
N PRO A 939 -25.13 -32.63 18.51
CA PRO A 939 -24.50 -33.14 19.73
C PRO A 939 -25.26 -34.27 20.43
N MET A 940 -26.55 -34.44 20.09
CA MET A 940 -27.33 -35.53 20.68
C MET A 940 -27.33 -36.74 19.75
N GLU A 941 -26.67 -36.65 18.58
CA GLU A 941 -26.57 -37.80 17.67
C GLU A 941 -25.11 -38.15 17.37
N GLY A 942 -24.17 -37.27 17.74
CA GLY A 942 -22.76 -37.55 17.58
C GLY A 942 -22.34 -37.65 16.10
N ASN A 943 -22.99 -36.86 15.22
CA ASN A 943 -22.66 -36.89 13.81
C ASN A 943 -22.99 -35.54 13.18
N PHE A 944 -22.68 -35.41 11.87
CA PHE A 944 -22.90 -34.17 11.14
C PHE A 944 -24.24 -34.26 10.43
N GLU A 945 -24.92 -33.13 10.33
CA GLU A 945 -26.02 -32.98 9.39
C GLU A 945 -25.61 -31.93 8.36
N GLU A 946 -25.79 -32.25 7.09
CA GLU A 946 -25.59 -31.29 6.02
C GLU A 946 -26.82 -30.41 5.96
N ILE A 947 -26.66 -29.12 6.27
CA ILE A 947 -27.79 -28.21 6.40
C ILE A 947 -28.18 -27.68 5.04
N ALA A 948 -27.19 -27.20 4.28
CA ALA A 948 -27.42 -26.56 3.00
C ALA A 948 -26.10 -26.36 2.29
N ARG A 949 -26.15 -26.26 0.95
CA ARG A 949 -24.97 -25.95 0.17
C ARG A 949 -25.32 -25.01 -0.97
N ASP A 950 -24.27 -24.39 -1.50
CA ASP A 950 -24.38 -23.51 -2.64
C ASP A 950 -24.21 -24.37 -3.88
N PHE A 951 -25.28 -24.49 -4.68
CA PHE A 951 -25.26 -25.38 -5.82
C PHE A 951 -24.60 -24.70 -7.04
N ASN A 952 -24.35 -23.39 -6.94
CA ASN A 952 -23.59 -22.69 -7.96
C ASN A 952 -22.12 -23.04 -7.81
N PRO A 953 -21.47 -23.62 -8.84
CA PRO A 953 -20.04 -23.91 -8.78
C PRO A 953 -19.21 -22.65 -8.61
N ASN A 954 -18.24 -22.70 -7.69
CA ASN A 954 -17.21 -21.69 -7.55
C ASN A 954 -15.91 -22.34 -7.11
N TRP A 955 -14.80 -21.89 -7.72
CA TRP A 955 -13.46 -22.33 -7.36
C TRP A 955 -12.94 -21.51 -6.20
N MET A 956 -13.07 -22.05 -4.97
CA MET A 956 -12.87 -21.25 -3.76
C MET A 956 -11.39 -21.02 -3.47
N SER A 957 -11.10 -19.87 -2.84
CA SER A 957 -9.77 -19.55 -2.34
C SER A 957 -9.78 -19.31 -0.83
N ALA A 958 -10.95 -18.95 -0.27
CA ALA A 958 -11.09 -18.66 1.16
C ALA A 958 -12.55 -18.52 1.55
N VAL A 959 -12.83 -18.78 2.83
CA VAL A 959 -14.20 -18.72 3.37
C VAL A 959 -14.17 -18.05 4.74
N GLU A 960 -15.31 -17.48 5.14
CA GLU A 960 -15.46 -16.96 6.49
C GLU A 960 -16.93 -16.95 6.87
N ILE A 961 -17.20 -17.21 8.16
CA ILE A 961 -18.53 -17.05 8.72
C ILE A 961 -18.67 -15.62 9.27
N LEU A 962 -19.64 -14.87 8.75
CA LEU A 962 -19.91 -13.52 9.19
C LEU A 962 -20.81 -13.57 10.40
N ASP A 963 -21.81 -14.41 10.35
CA ASP A 963 -22.67 -14.68 11.49
C ASP A 963 -23.40 -15.99 11.22
N ASP A 964 -24.37 -16.34 12.08
CA ASP A 964 -25.01 -17.65 11.99
C ASP A 964 -25.70 -17.85 10.65
N ASP A 965 -26.02 -16.75 9.95
CA ASP A 965 -26.87 -16.83 8.77
C ASP A 965 -26.14 -16.34 7.51
N ASN A 966 -24.90 -15.82 7.63
CA ASN A 966 -24.24 -15.23 6.47
C ASN A 966 -22.83 -15.81 6.33
N PHE A 967 -22.54 -16.29 5.12
CA PHE A 967 -21.28 -16.96 4.81
C PHE A 967 -20.62 -16.29 3.62
N LEU A 968 -19.36 -15.89 3.83
CA LEU A 968 -18.57 -15.16 2.86
C LEU A 968 -17.63 -16.11 2.14
N GLY A 969 -17.61 -16.00 0.81
CA GLY A 969 -16.69 -16.74 -0.03
C GLY A 969 -15.84 -15.80 -0.89
N ALA A 970 -14.58 -16.17 -1.10
CA ALA A 970 -13.75 -15.58 -2.14
C ALA A 970 -13.38 -16.69 -3.13
N GLU A 971 -13.27 -16.33 -4.40
CA GLU A 971 -13.00 -17.35 -5.40
C GLU A 971 -11.90 -16.88 -6.37
N ASN A 972 -11.48 -17.79 -7.25
CA ASN A 972 -10.23 -17.68 -7.98
C ASN A 972 -10.26 -16.57 -9.03
N ALA A 973 -11.45 -16.13 -9.44
CA ALA A 973 -11.56 -15.07 -10.45
C ALA A 973 -11.76 -13.69 -9.79
N PHE A 974 -11.40 -13.58 -8.50
CA PHE A 974 -11.21 -12.33 -7.81
C PHE A 974 -12.57 -11.74 -7.39
N ASN A 975 -13.55 -12.61 -7.17
CA ASN A 975 -14.87 -12.20 -6.71
C ASN A 975 -15.11 -12.60 -5.25
N LEU A 976 -15.92 -11.79 -4.56
CA LEU A 976 -16.55 -12.19 -3.30
C LEU A 976 -18.01 -12.52 -3.54
N PHE A 977 -18.56 -13.37 -2.68
CA PHE A 977 -19.99 -13.55 -2.62
C PHE A 977 -20.38 -13.91 -1.19
N VAL A 978 -21.66 -13.66 -0.88
CA VAL A 978 -22.25 -14.02 0.41
C VAL A 978 -23.45 -14.92 0.16
N CYS A 979 -23.45 -16.06 0.86
CA CYS A 979 -24.55 -17.00 0.87
C CYS A 979 -25.34 -16.88 2.16
N GLN A 980 -26.67 -17.09 2.04
CA GLN A 980 -27.58 -17.23 3.17
C GLN A 980 -28.48 -18.46 2.98
N LYS A 981 -29.09 -18.90 4.10
CA LYS A 981 -30.21 -19.85 4.06
C LYS A 981 -31.40 -19.18 3.35
N ASP A 982 -32.23 -19.98 2.68
CA ASP A 982 -33.42 -19.46 2.01
C ASP A 982 -34.64 -19.60 2.92
N SER A 983 -35.07 -18.49 3.54
CA SER A 983 -36.30 -18.47 4.32
C SER A 983 -37.46 -17.87 3.47
N THR A 987 -39.98 -26.52 1.19
CA THR A 987 -39.59 -27.96 1.27
C THR A 987 -38.40 -28.10 2.21
N ASP A 988 -37.95 -29.34 2.41
CA ASP A 988 -36.65 -29.62 2.99
C ASP A 988 -35.59 -29.48 1.87
N GLU A 989 -35.96 -29.84 0.63
CA GLU A 989 -35.06 -29.77 -0.53
C GLU A 989 -34.79 -28.31 -0.87
N GLU A 990 -35.72 -27.42 -0.52
CA GLU A 990 -35.55 -25.99 -0.68
C GLU A 990 -34.56 -25.45 0.36
N ARG A 991 -34.73 -25.88 1.62
CA ARG A 991 -33.95 -25.36 2.73
C ARG A 991 -32.48 -25.75 2.57
N GLN A 992 -32.21 -26.72 1.68
CA GLN A 992 -30.86 -27.22 1.45
C GLN A 992 -30.11 -26.43 0.37
N HIS A 993 -30.76 -25.40 -0.19
CA HIS A 993 -30.17 -24.56 -1.23
C HIS A 993 -29.77 -23.22 -0.62
N LEU A 994 -28.45 -23.02 -0.44
CA LEU A 994 -27.93 -21.71 -0.05
C LEU A 994 -28.16 -20.74 -1.20
N GLN A 995 -28.52 -19.50 -0.87
CA GLN A 995 -28.72 -18.46 -1.86
C GLN A 995 -27.54 -17.50 -1.83
N GLU A 996 -26.99 -17.20 -3.00
CA GLU A 996 -25.99 -16.15 -3.16
C GLU A 996 -26.70 -14.79 -3.19
N VAL A 997 -26.71 -14.09 -2.05
CA VAL A 997 -27.44 -12.85 -1.91
C VAL A 997 -26.50 -11.65 -2.07
N GLY A 998 -25.19 -11.86 -1.99
CA GLY A 998 -24.23 -10.81 -2.27
C GLY A 998 -23.19 -11.26 -3.28
N LEU A 999 -22.85 -10.36 -4.21
CA LEU A 999 -21.88 -10.61 -5.27
C LEU A 999 -21.07 -9.32 -5.49
N PHE A 1000 -19.75 -9.44 -5.67
CA PHE A 1000 -18.89 -8.27 -5.79
C PHE A 1000 -17.57 -8.68 -6.44
N HIS A 1001 -17.21 -8.01 -7.53
CA HIS A 1001 -15.87 -8.13 -8.09
C HIS A 1001 -14.89 -7.26 -7.26
N LEU A 1002 -14.08 -7.95 -6.45
CA LEU A 1002 -13.07 -7.29 -5.63
C LEU A 1002 -11.84 -6.91 -6.46
N GLY A 1003 -11.37 -7.82 -7.33
CA GLY A 1003 -10.19 -7.55 -8.16
C GLY A 1003 -8.87 -7.92 -7.47
N GLU A 1004 -8.97 -8.69 -6.38
CA GLU A 1004 -7.82 -9.21 -5.66
C GLU A 1004 -8.10 -10.70 -5.38
N PHE A 1005 -7.03 -11.43 -5.10
CA PHE A 1005 -7.11 -12.85 -4.79
C PHE A 1005 -6.91 -13.00 -3.29
N VAL A 1006 -7.96 -13.47 -2.60
CA VAL A 1006 -7.97 -13.56 -1.15
C VAL A 1006 -7.43 -14.92 -0.72
N ASN A 1007 -6.36 -14.92 0.08
CA ASN A 1007 -5.80 -16.15 0.63
C ASN A 1007 -6.32 -16.44 2.02
N VAL A 1008 -6.73 -15.40 2.76
CA VAL A 1008 -7.11 -15.58 4.16
C VAL A 1008 -8.10 -14.49 4.58
N PHE A 1009 -9.10 -14.92 5.36
CA PHE A 1009 -9.98 -14.06 6.13
C PHE A 1009 -9.75 -14.31 7.62
N CYS A 1010 -9.79 -13.27 8.45
N CYS A 1010 -9.69 -13.22 8.41
CA CYS A 1010 -9.74 -13.49 9.89
CA CYS A 1010 -9.61 -13.29 9.87
C CYS A 1010 -10.41 -12.35 10.64
C CYS A 1010 -10.62 -12.32 10.48
N HIS A 1011 -11.28 -12.74 11.57
CA HIS A 1011 -12.04 -11.81 12.39
C HIS A 1011 -11.05 -10.96 13.14
N GLY A 1012 -11.27 -9.63 13.12
CA GLY A 1012 -10.49 -8.73 13.95
C GLY A 1012 -10.43 -7.32 13.38
N SER A 1013 -9.69 -6.46 14.09
CA SER A 1013 -9.57 -5.06 13.75
C SER A 1013 -8.19 -4.54 14.18
N LEU A 1014 -7.65 -3.58 13.40
CA LEU A 1014 -6.45 -2.86 13.77
C LEU A 1014 -6.82 -1.60 14.56
N VAL A 1015 -8.12 -1.34 14.72
CA VAL A 1015 -8.58 -0.14 15.41
C VAL A 1015 -8.88 -0.49 16.87
N MET A 1016 -8.43 0.40 17.78
CA MET A 1016 -8.52 0.18 19.22
C MET A 1016 -9.96 -0.12 19.62
N GLN A 1017 -10.16 -1.18 20.41
CA GLN A 1017 -11.47 -1.75 20.66
C GLN A 1017 -12.15 -1.00 21.83
N THR A 1024 -23.08 2.38 15.77
CA THR A 1024 -22.08 2.37 14.67
C THR A 1024 -22.78 2.01 13.36
N PRO A 1025 -22.43 2.66 12.23
CA PRO A 1025 -23.00 2.29 10.93
C PRO A 1025 -22.64 0.87 10.47
N THR A 1026 -21.73 0.19 11.20
CA THR A 1026 -21.23 -1.13 10.78
C THR A 1026 -21.13 -2.07 11.99
N GLN A 1027 -21.31 -3.37 11.72
CA GLN A 1027 -21.28 -4.41 12.74
C GLN A 1027 -20.37 -5.55 12.26
N GLY A 1028 -19.44 -5.96 13.12
CA GLY A 1028 -18.49 -7.02 12.79
C GLY A 1028 -17.26 -6.45 12.08
N SER A 1029 -16.19 -7.26 12.04
CA SER A 1029 -14.97 -6.86 11.37
C SER A 1029 -14.21 -8.10 10.92
N VAL A 1030 -14.06 -8.25 9.58
CA VAL A 1030 -13.30 -9.33 8.99
C VAL A 1030 -12.24 -8.70 8.09
N LEU A 1031 -10.96 -8.99 8.40
CA LEU A 1031 -9.84 -8.60 7.56
C LEU A 1031 -9.53 -9.70 6.56
N PHE A 1032 -8.91 -9.31 5.43
CA PHE A 1032 -8.44 -10.30 4.48
C PHE A 1032 -7.13 -9.84 3.87
N GLY A 1033 -6.30 -10.83 3.53
CA GLY A 1033 -5.01 -10.59 2.91
C GLY A 1033 -4.95 -11.28 1.56
N THR A 1034 -4.20 -10.68 0.64
CA THR A 1034 -4.26 -11.03 -0.76
C THR A 1034 -2.87 -11.26 -1.32
N VAL A 1035 -2.83 -11.79 -2.55
CA VAL A 1035 -1.60 -12.08 -3.25
C VAL A 1035 -0.82 -10.81 -3.54
N ASN A 1036 -1.51 -9.70 -3.82
CA ASN A 1036 -0.82 -8.44 -4.16
C ASN A 1036 -0.43 -7.62 -2.91
N GLY A 1037 -0.76 -8.14 -1.71
CA GLY A 1037 -0.35 -7.52 -0.46
C GLY A 1037 -1.38 -6.49 0.00
N MET A 1038 -2.50 -6.42 -0.74
CA MET A 1038 -3.65 -5.64 -0.34
C MET A 1038 -4.29 -6.27 0.92
N ILE A 1039 -4.65 -5.41 1.88
CA ILE A 1039 -5.41 -5.81 3.05
C ILE A 1039 -6.75 -5.08 3.02
N GLY A 1040 -7.83 -5.84 3.22
CA GLY A 1040 -9.17 -5.30 3.16
C GLY A 1040 -9.96 -5.66 4.42
N LEU A 1041 -11.10 -4.95 4.56
CA LEU A 1041 -12.01 -5.19 5.66
C LEU A 1041 -13.43 -5.37 5.11
N VAL A 1042 -14.15 -6.34 5.68
CA VAL A 1042 -15.54 -6.52 5.39
C VAL A 1042 -16.31 -6.31 6.69
N THR A 1043 -17.38 -5.49 6.63
CA THR A 1043 -18.29 -5.32 7.76
C THR A 1043 -19.73 -5.33 7.26
N SER A 1044 -20.68 -5.44 8.19
CA SER A 1044 -22.09 -5.52 7.85
C SER A 1044 -22.76 -4.16 8.01
N LEU A 1045 -23.84 -3.95 7.24
CA LEU A 1045 -24.64 -2.73 7.30
C LEU A 1045 -26.10 -3.14 7.58
N SER A 1046 -26.88 -2.21 8.15
CA SER A 1046 -28.34 -2.30 8.13
C SER A 1046 -28.85 -2.01 6.72
N GLU A 1047 -30.06 -2.49 6.42
CA GLU A 1047 -30.75 -2.19 5.16
C GLU A 1047 -30.77 -0.68 4.92
N SER A 1048 -31.09 0.06 5.97
CA SER A 1048 -31.19 1.50 5.90
C SER A 1048 -29.88 2.10 5.40
N TRP A 1049 -28.77 1.68 6.03
CA TRP A 1049 -27.44 2.17 5.66
C TRP A 1049 -27.07 1.73 4.26
N TYR A 1050 -27.37 0.47 3.93
CA TYR A 1050 -27.06 -0.05 2.61
C TYR A 1050 -27.70 0.85 1.56
N ASN A 1051 -28.99 1.19 1.78
CA ASN A 1051 -29.80 1.88 0.78
C ASN A 1051 -29.27 3.28 0.54
N LEU A 1052 -28.90 3.95 1.64
CA LEU A 1052 -28.35 5.28 1.58
C LEU A 1052 -27.03 5.26 0.81
N LEU A 1053 -26.17 4.30 1.14
CA LEU A 1053 -24.84 4.25 0.56
C LEU A 1053 -24.91 3.81 -0.91
N LEU A 1054 -25.83 2.90 -1.24
CA LEU A 1054 -26.02 2.48 -2.63
C LEU A 1054 -26.41 3.72 -3.46
N ASP A 1055 -27.31 4.53 -2.92
CA ASP A 1055 -27.77 5.75 -3.58
C ASP A 1055 -26.60 6.71 -3.78
N MET A 1056 -25.78 6.89 -2.73
CA MET A 1056 -24.57 7.70 -2.81
C MET A 1056 -23.64 7.22 -3.93
N GLN A 1057 -23.41 5.90 -4.01
CA GLN A 1057 -22.55 5.32 -5.05
C GLN A 1057 -23.02 5.73 -6.42
N ASN A 1058 -24.34 5.57 -6.65
CA ASN A 1058 -24.94 5.83 -7.95
C ASN A 1058 -24.74 7.30 -8.33
N ARG A 1059 -24.82 8.19 -7.34
CA ARG A 1059 -24.69 9.61 -7.59
C ARG A 1059 -23.22 9.96 -7.77
N LEU A 1060 -22.36 9.37 -6.93
CA LEU A 1060 -20.93 9.51 -7.10
C LEU A 1060 -20.50 9.09 -8.50
N ASN A 1061 -21.06 7.99 -9.01
CA ASN A 1061 -20.64 7.44 -10.28
C ASN A 1061 -21.02 8.36 -11.45
N LYS A 1062 -21.98 9.28 -11.25
CA LYS A 1062 -22.38 10.21 -12.30
C LYS A 1062 -21.42 11.38 -12.35
N VAL A 1063 -20.81 11.76 -11.23
CA VAL A 1063 -20.05 13.00 -11.19
C VAL A 1063 -18.54 12.74 -11.33
N ILE A 1064 -18.07 11.57 -10.90
CA ILE A 1064 -16.65 11.25 -10.96
C ILE A 1064 -16.28 10.82 -12.39
N LYS A 1065 -15.25 11.44 -12.98
CA LYS A 1065 -14.70 11.00 -14.25
C LYS A 1065 -13.66 9.90 -13.98
N SER A 1066 -13.90 8.68 -14.47
CA SER A 1066 -13.00 7.57 -14.26
C SER A 1066 -11.92 7.56 -15.31
N VAL A 1067 -10.73 7.12 -14.92
CA VAL A 1067 -9.63 6.97 -15.85
C VAL A 1067 -9.99 5.87 -16.85
N GLY A 1068 -9.93 6.19 -18.14
CA GLY A 1068 -10.22 5.24 -19.19
C GLY A 1068 -11.73 5.10 -19.42
N LYS A 1069 -12.49 5.95 -18.71
CA LYS A 1069 -13.93 6.00 -18.83
C LYS A 1069 -14.57 4.63 -18.61
N ILE A 1070 -14.06 3.88 -17.62
CA ILE A 1070 -14.66 2.63 -17.22
C ILE A 1070 -15.80 2.92 -16.24
N GLU A 1071 -16.93 2.25 -16.42
CA GLU A 1071 -18.05 2.38 -15.50
C GLU A 1071 -17.76 1.60 -14.23
N HIS A 1072 -18.00 2.24 -13.07
CA HIS A 1072 -17.84 1.59 -11.78
C HIS A 1072 -18.67 0.30 -11.70
N SER A 1073 -19.90 0.33 -12.22
N SER A 1073 -19.91 0.37 -12.21
CA SER A 1073 -20.79 -0.81 -12.11
CA SER A 1073 -20.84 -0.74 -12.18
C SER A 1073 -20.27 -1.99 -12.93
C SER A 1073 -20.26 -1.95 -12.91
N PHE A 1074 -19.59 -1.69 -14.05
CA PHE A 1074 -18.95 -2.73 -14.84
C PHE A 1074 -17.78 -3.36 -14.06
N TRP A 1075 -16.86 -2.52 -13.56
CA TRP A 1075 -15.73 -2.94 -12.72
C TRP A 1075 -16.19 -3.88 -11.59
N ARG A 1076 -17.26 -3.52 -10.89
CA ARG A 1076 -17.64 -4.27 -9.68
C ARG A 1076 -18.58 -5.43 -9.97
N SER A 1077 -19.03 -5.60 -11.23
CA SER A 1077 -19.86 -6.75 -11.57
C SER A 1077 -19.10 -8.04 -11.32
N PHE A 1078 -19.79 -8.97 -10.65
CA PHE A 1078 -19.29 -10.33 -10.44
C PHE A 1078 -19.00 -10.95 -11.80
N HIS A 1079 -17.81 -11.53 -11.97
CA HIS A 1079 -17.37 -11.99 -13.27
C HIS A 1079 -16.47 -13.23 -13.12
N THR A 1080 -17.01 -14.35 -13.63
CA THR A 1080 -16.25 -15.56 -13.90
C THR A 1080 -16.51 -15.97 -15.36
N GLU A 1081 -15.91 -17.08 -15.77
CA GLU A 1081 -16.09 -17.59 -17.13
C GLU A 1081 -17.53 -18.09 -17.29
N ARG A 1082 -18.13 -18.58 -16.21
CA ARG A 1082 -19.53 -19.02 -16.19
C ARG A 1082 -20.52 -17.86 -16.22
N LYS A 1083 -20.23 -16.75 -15.51
CA LYS A 1083 -21.29 -15.83 -15.08
C LYS A 1083 -20.78 -14.40 -14.95
N THR A 1084 -21.50 -13.43 -15.57
CA THR A 1084 -21.38 -12.00 -15.27
C THR A 1084 -22.72 -11.46 -14.79
N GLU A 1085 -22.72 -10.78 -13.64
CA GLU A 1085 -23.92 -10.17 -13.09
C GLU A 1085 -23.53 -8.88 -12.35
N PRO A 1086 -24.44 -7.89 -12.25
CA PRO A 1086 -24.17 -6.70 -11.45
C PRO A 1086 -23.86 -7.11 -10.01
N ALA A 1087 -23.00 -6.35 -9.34
CA ALA A 1087 -22.78 -6.52 -7.91
C ALA A 1087 -24.09 -6.33 -7.18
N THR A 1088 -24.26 -7.07 -6.09
CA THR A 1088 -25.40 -6.82 -5.22
C THR A 1088 -25.03 -7.12 -3.76
N GLY A 1089 -25.74 -6.44 -2.85
CA GLY A 1089 -25.53 -6.58 -1.42
C GLY A 1089 -24.14 -6.12 -0.95
N PHE A 1090 -23.40 -5.38 -1.77
CA PHE A 1090 -22.06 -4.93 -1.38
C PHE A 1090 -21.88 -3.45 -1.69
N ILE A 1091 -21.45 -2.67 -0.67
CA ILE A 1091 -21.02 -1.29 -0.85
C ILE A 1091 -19.51 -1.23 -1.02
N ASP A 1092 -19.07 -0.45 -2.03
CA ASP A 1092 -17.66 -0.22 -2.28
C ASP A 1092 -17.18 0.94 -1.41
N GLY A 1093 -16.58 0.62 -0.26
CA GLY A 1093 -16.12 1.62 0.68
C GLY A 1093 -15.07 2.56 0.08
N ASP A 1094 -14.25 2.06 -0.83
CA ASP A 1094 -13.26 2.92 -1.45
C ASP A 1094 -13.96 4.04 -2.22
N LEU A 1095 -15.05 3.71 -2.92
CA LEU A 1095 -15.81 4.70 -3.67
C LEU A 1095 -16.48 5.68 -2.69
N ILE A 1096 -17.10 5.14 -1.64
CA ILE A 1096 -17.80 5.97 -0.67
C ILE A 1096 -16.82 6.96 -0.04
N GLU A 1097 -15.65 6.47 0.37
CA GLU A 1097 -14.67 7.33 1.05
C GLU A 1097 -14.16 8.40 0.09
N SER A 1098 -14.17 8.14 -1.23
CA SER A 1098 -13.75 9.13 -2.21
C SER A 1098 -14.70 10.34 -2.26
N PHE A 1099 -15.87 10.24 -1.61
CA PHE A 1099 -16.77 11.38 -1.47
C PHE A 1099 -16.06 12.58 -0.83
N LEU A 1100 -15.12 12.32 0.08
CA LEU A 1100 -14.46 13.36 0.84
C LEU A 1100 -13.39 14.07 0.00
N ASP A 1101 -13.29 13.74 -1.30
CA ASP A 1101 -12.24 14.28 -2.16
C ASP A 1101 -12.82 15.01 -3.37
N ILE A 1102 -14.13 14.98 -3.55
CA ILE A 1102 -14.75 15.65 -4.67
C ILE A 1102 -14.98 17.11 -4.29
N SER A 1103 -15.21 17.93 -5.31
CA SER A 1103 -15.45 19.35 -5.15
C SER A 1103 -16.85 19.57 -4.58
N ARG A 1104 -17.08 20.76 -4.01
CA ARG A 1104 -18.30 21.03 -3.27
C ARG A 1104 -19.47 21.14 -4.23
N PRO A 1105 -19.29 21.72 -5.44
CA PRO A 1105 -20.33 21.67 -6.46
C PRO A 1105 -20.77 20.22 -6.67
N LYS A 1106 -19.78 19.32 -6.72
CA LYS A 1106 -20.04 17.90 -6.93
C LYS A 1106 -20.79 17.33 -5.72
N MET A 1107 -20.35 17.72 -4.51
CA MET A 1107 -21.01 17.23 -3.30
C MET A 1107 -22.48 17.61 -3.35
N GLN A 1108 -22.76 18.92 -3.47
CA GLN A 1108 -24.12 19.42 -3.56
C GLN A 1108 -24.89 18.55 -4.53
N GLU A 1109 -24.27 18.34 -5.70
CA GLU A 1109 -24.86 17.56 -6.78
C GLU A 1109 -25.18 16.15 -6.29
N VAL A 1110 -24.27 15.56 -5.52
CA VAL A 1110 -24.45 14.21 -5.02
C VAL A 1110 -25.65 14.15 -4.06
N VAL A 1111 -25.98 15.27 -3.39
CA VAL A 1111 -26.87 15.21 -2.25
C VAL A 1111 -28.29 15.63 -2.62
N ALA A 1112 -28.46 16.26 -3.80
CA ALA A 1112 -29.75 16.83 -4.21
C ALA A 1112 -30.88 15.81 -4.13
N ASN A 1113 -31.67 15.88 -3.03
CA ASN A 1113 -32.94 15.16 -2.94
C ASN A 1113 -32.71 13.77 -2.36
N LEU A 1114 -31.49 13.53 -1.85
CA LEU A 1114 -31.14 12.27 -1.21
C LEU A 1114 -31.91 12.16 0.11
N GLN A 1115 -32.44 10.95 0.39
CA GLN A 1115 -33.23 10.69 1.58
C GLN A 1115 -32.52 11.24 2.84
N ARG A 1124 -35.26 13.15 6.07
CA ARG A 1124 -35.19 14.54 5.54
C ARG A 1124 -34.21 14.58 4.36
N GLU A 1125 -34.18 15.74 3.68
CA GLU A 1125 -33.19 16.01 2.64
C GLU A 1125 -31.82 16.17 3.28
N ALA A 1126 -30.87 15.31 2.89
CA ALA A 1126 -29.53 15.30 3.44
C ALA A 1126 -28.76 16.53 2.96
N THR A 1127 -27.77 16.95 3.75
CA THR A 1127 -26.87 18.04 3.40
C THR A 1127 -25.48 17.48 3.13
N ALA A 1128 -24.68 18.21 2.36
CA ALA A 1128 -23.27 17.87 2.16
C ALA A 1128 -22.66 17.43 3.48
N ASP A 1129 -22.92 18.21 4.52
CA ASP A 1129 -22.20 18.11 5.77
C ASP A 1129 -22.71 16.91 6.56
N ASP A 1130 -23.96 16.51 6.36
CA ASP A 1130 -24.43 15.26 6.94
C ASP A 1130 -23.58 14.11 6.39
N LEU A 1131 -23.38 14.12 5.06
CA LEU A 1131 -22.70 13.03 4.37
C LEU A 1131 -21.22 13.01 4.76
N ILE A 1132 -20.58 14.19 4.81
CA ILE A 1132 -19.19 14.28 5.25
C ILE A 1132 -19.05 13.63 6.61
N LYS A 1133 -20.06 13.81 7.48
CA LYS A 1133 -20.04 13.24 8.82
C LYS A 1133 -20.17 11.73 8.73
N VAL A 1134 -21.10 11.28 7.90
CA VAL A 1134 -21.38 9.86 7.75
C VAL A 1134 -20.14 9.12 7.25
N VAL A 1135 -19.43 9.73 6.31
CA VAL A 1135 -18.31 9.07 5.67
C VAL A 1135 -17.13 8.97 6.65
N GLU A 1136 -17.00 9.97 7.53
CA GLU A 1136 -15.99 9.95 8.59
C GLU A 1136 -16.23 8.78 9.55
N GLU A 1137 -17.45 8.65 10.07
CA GLU A 1137 -17.80 7.48 10.88
C GLU A 1137 -17.32 6.18 10.20
N LEU A 1138 -17.42 6.12 8.85
CA LEU A 1138 -17.09 4.91 8.10
C LEU A 1138 -15.59 4.71 8.02
N THR A 1139 -14.82 5.78 7.78
CA THR A 1139 -13.37 5.65 7.63
C THR A 1139 -12.72 5.21 8.96
N ARG A 1140 -13.41 5.36 10.09
CA ARG A 1140 -12.82 5.10 11.40
C ARG A 1140 -12.77 3.58 11.69
N ILE A 1141 -13.35 2.76 10.80
CA ILE A 1141 -13.48 1.34 11.07
C ILE A 1141 -12.22 0.62 10.62
N HIS A 1142 -11.30 1.34 9.98
CA HIS A 1142 -9.98 0.79 9.69
C HIS A 1142 -8.94 1.88 9.91
O1 TLA B . 13.84 -5.04 -22.33
O11 TLA B . 13.18 -5.11 -24.50
C1 TLA B . 13.36 -4.52 -23.41
C2 TLA B . 12.93 -3.05 -23.33
O2 TLA B . 13.27 -2.45 -22.10
C3 TLA B . 11.41 -2.97 -23.56
O3 TLA B . 10.75 -3.63 -22.51
C4 TLA B . 10.97 -1.50 -23.67
O4 TLA B . 10.13 -1.09 -22.85
O41 TLA B . 11.48 -0.83 -24.59
O1 TLA C . 21.23 36.84 11.45
O11 TLA C . 19.32 37.63 10.62
C1 TLA C . 20.03 36.72 11.11
C2 TLA C . 19.36 35.38 11.39
O2 TLA C . 17.98 35.39 11.05
C3 TLA C . 19.55 35.05 12.87
O3 TLA C . 19.03 36.10 13.66
C4 TLA C . 18.91 33.68 13.22
O4 TLA C . 17.82 33.69 13.86
O41 TLA C . 19.54 32.65 12.87
N1 VVP D . 5.93 0.41 -1.24
C4 VVP D . 7.05 -0.39 -4.71
C5 VVP D . 6.51 -0.67 -3.46
C6 VVP D . 6.34 0.39 -2.56
C7 VVP D . 6.01 1.70 -0.76
C8 VVP D . 6.48 2.53 -1.72
C1 VVP D . 8.64 3.46 -5.38
O1 VVP D . 7.63 3.24 -4.40
C2 VVP D . 7.24 1.96 -4.17
C3 VVP D . 7.41 0.90 -5.07
C9 VVP D . 6.71 1.72 -2.90
N1 VVP E . -2.89 9.68 -31.38
C4 VVP E . -5.92 8.58 -29.55
C5 VVP E . -4.84 9.42 -29.84
C6 VVP E . -3.94 9.02 -30.82
C7 VVP E . -2.38 8.93 -32.40
C8 VVP E . -3.07 7.77 -32.51
C1 VVP E . -6.29 4.91 -31.59
O1 VVP E . -5.16 5.75 -31.79
C2 VVP E . -5.16 6.97 -31.18
C3 VVP E . -6.07 7.37 -30.22
C9 VVP E . -4.09 7.80 -31.51
C1 EDO F . 0.62 -5.43 -15.97
O1 EDO F . 0.77 -4.72 -14.76
C2 EDO F . 1.17 -4.74 -17.09
O2 EDO F . 2.11 -3.91 -16.71
C1 EDO G . 1.40 -27.23 26.93
O1 EDO G . 0.57 -26.22 27.35
C2 EDO G . 2.61 -26.67 26.47
O2 EDO G . 2.42 -25.32 26.10
UNK UNX H . -2.80 -9.78 -10.04
UNK UNX I . -17.17 7.41 -16.65
UNK UNX J . -17.23 -23.63 16.82
UNK UNX K . 2.72 32.30 12.59
UNK UNX L . 26.72 -0.23 -15.02
#